data_5H8M
#
_entry.id   5H8M
#
_cell.length_a   80.263
_cell.length_b   80.263
_cell.length_c   226.438
_cell.angle_alpha   90.00
_cell.angle_beta   90.00
_cell.angle_gamma   90.00
#
_symmetry.space_group_name_H-M   'P 43 21 2'
#
loop_
_entity.id
_entity.type
_entity.pdbx_description
1 polymer 'Malate synthase G'
2 non-polymer 'MAGNESIUM ION'
3 non-polymer '(2S)-2-hydroxybutanedioic acid'
4 water water
#
_entity_poly.entity_id   1
_entity_poly.type   'polypeptide(L)'
_entity_poly.pdbx_seq_one_letter_code
;MTDRVSVGNLRIARVLYDFVNNEALPGTDIDPDSFWAGVDKVVADLTPQNQALLNARDELQAQIDKWHRRRVIEPIDMDA
YRQFLTEIGYLLPEPDDFTITTSGVDAEITTTAGPQLVVPVLNARFALNAANARWGSLYDALYGTDVIPETDGAEKGPTY
NKVRGDKVIAYARKFLDDSVPLSSGSFGDATGFTVQDGQLVVALPDKSTGLANPGQFAGYTGAAESPTSVLLINHGLHIE
ILIDPESQVGTTDRAGVKDVILESAITTIMDFEDSVAAVDAADKVLGYRNWLGLNKGDLAAAVDKDGTAFLRVLNRDRNY
TAPGGGQFTLPGRSLMFVRNVGHLMTNDAIVDTDGSEVFEGIMDALFTGLIAIHGLKASDVNGPLINSRTGSIYIVKPKM
HGPAEVAFTCELFSRVEDVLGLPQNTMKIGIMDEERRTTVNLKACIKAAADRVVFINTAFLDRTGDEIHTSMEAGPMVRK
GTMKSQPWILAYEDHNVDAGLAAGFSGRAQVGKGMWTMTELMADMVETKIAQPRAGASTAWVPSPTAATLHALHYHQVDV
AAVQQGLAGKRRATIEQLLTIPLAKELAWAPDEIREEVDNNCQSILGYVVRWVDQGVGASKVPDIHDVALMEDRATLRIS
SQLLANWLRHGVITSADVRASLERMAPLVDRQNAGDVAYRPMAPNFDDSIAFLAAQELILSGAQQPNGYTEPILHRRRRE
FKARAAEKPAPSDRAGDDAAR
;
_entity_poly.pdbx_strand_id   A
#
# COMPACT_ATOMS: atom_id res chain seq x y z
N THR A 2 0.67 28.33 -25.42
CA THR A 2 0.35 27.94 -24.05
C THR A 2 1.50 28.21 -23.06
N ASP A 3 1.21 28.16 -21.76
CA ASP A 3 2.20 28.52 -20.73
C ASP A 3 3.16 27.40 -20.37
N ARG A 4 4.04 27.07 -21.32
CA ARG A 4 5.02 26.01 -21.12
C ARG A 4 6.45 26.46 -21.45
N VAL A 5 7.30 26.47 -20.43
CA VAL A 5 8.73 26.62 -20.60
C VAL A 5 9.29 25.60 -21.60
N SER A 6 10.10 26.08 -22.54
CA SER A 6 10.67 25.22 -23.57
C SER A 6 12.10 24.85 -23.20
N VAL A 7 12.36 23.56 -23.13
CA VAL A 7 13.68 23.06 -22.80
C VAL A 7 13.95 21.87 -23.68
N GLY A 8 14.84 22.03 -24.65
CA GLY A 8 15.10 21.02 -25.64
C GLY A 8 13.85 20.64 -26.41
N ASN A 9 13.60 19.33 -26.51
CA ASN A 9 12.42 18.82 -27.18
C ASN A 9 11.16 18.78 -26.30
N LEU A 10 11.22 19.40 -25.13
CA LEU A 10 10.11 19.34 -24.17
C LEU A 10 9.45 20.69 -23.85
N ARG A 11 8.12 20.69 -23.80
CA ARG A 11 7.38 21.85 -23.32
C ARG A 11 6.83 21.60 -21.92
N ILE A 12 7.50 22.18 -20.93
CA ILE A 12 7.23 21.90 -19.53
C ILE A 12 6.28 22.92 -18.94
N ALA A 13 5.16 22.45 -18.40
CA ALA A 13 4.16 23.36 -17.85
C ALA A 13 4.78 24.24 -16.77
N ARG A 14 4.42 25.52 -16.81
CA ARG A 14 5.04 26.55 -15.97
C ARG A 14 5.02 26.23 -14.47
N VAL A 15 3.88 25.77 -13.98
CA VAL A 15 3.73 25.47 -12.54
C VAL A 15 4.67 24.35 -12.11
N LEU A 16 5.02 23.49 -13.05
CA LEU A 16 5.95 22.38 -12.78
C LEU A 16 7.39 22.88 -12.80
N TYR A 17 7.75 23.55 -13.90
CA TYR A 17 9.06 24.18 -14.04
C TYR A 17 9.36 25.14 -12.89
N ASP A 18 8.40 25.99 -12.54
CA ASP A 18 8.62 26.90 -11.42
C ASP A 18 8.78 26.15 -10.09
N PHE A 19 7.98 25.11 -9.88
CA PHE A 19 8.10 24.31 -8.65
C PHE A 19 9.39 23.53 -8.55
N VAL A 20 9.83 22.95 -9.66
CA VAL A 20 11.08 22.21 -9.64
C VAL A 20 12.28 23.15 -9.43
N ASN A 21 12.16 24.36 -9.96
CA ASN A 21 13.21 25.37 -9.84
C ASN A 21 13.31 26.10 -8.51
N ASN A 22 12.18 26.48 -7.94
CA ASN A 22 12.21 27.33 -6.76
C ASN A 22 12.03 26.61 -5.42
N GLU A 23 11.84 25.28 -5.49
CA GLU A 23 11.46 24.49 -4.31
C GLU A 23 12.26 23.18 -4.16
N ALA A 24 12.25 22.37 -5.21
CA ALA A 24 12.90 21.07 -5.17
C ALA A 24 14.40 21.14 -5.46
N LEU A 25 14.80 22.05 -6.33
CA LEU A 25 16.22 22.16 -6.66
C LEU A 25 17.11 22.84 -5.60
N PRO A 26 16.61 23.93 -5.00
CA PRO A 26 17.43 24.50 -3.92
C PRO A 26 17.73 23.56 -2.74
N GLY A 27 18.97 23.07 -2.70
CA GLY A 27 19.45 22.23 -1.62
C GLY A 27 20.02 20.93 -2.14
N THR A 28 19.93 20.72 -3.45
CA THR A 28 20.36 19.47 -4.08
C THR A 28 21.79 19.51 -4.60
N ASP A 29 22.36 20.71 -4.67
CA ASP A 29 23.70 20.92 -5.24
C ASP A 29 23.72 20.55 -6.74
N ILE A 30 22.56 20.66 -7.37
CA ILE A 30 22.38 20.30 -8.78
C ILE A 30 21.92 21.53 -9.58
N ASP A 31 22.59 21.77 -10.71
CA ASP A 31 22.40 23.00 -11.49
C ASP A 31 21.15 22.89 -12.36
N PRO A 32 20.27 23.89 -12.30
CA PRO A 32 18.95 23.84 -12.96
C PRO A 32 19.01 23.51 -14.46
N ASP A 33 19.75 24.26 -15.25
CA ASP A 33 19.85 23.97 -16.69
C ASP A 33 20.34 22.57 -17.00
N SER A 34 21.18 22.01 -16.13
CA SER A 34 21.70 20.67 -16.35
C SER A 34 20.71 19.60 -15.91
N PHE A 35 19.92 19.91 -14.88
CA PHE A 35 18.87 19.00 -14.46
C PHE A 35 17.85 18.83 -15.58
N TRP A 36 17.36 19.96 -16.08
CA TRP A 36 16.39 19.98 -17.16
C TRP A 36 16.91 19.35 -18.43
N ALA A 37 18.22 19.35 -18.60
CA ALA A 37 18.82 18.72 -19.76
C ALA A 37 18.74 17.21 -19.62
N GLY A 38 18.98 16.72 -18.40
CA GLY A 38 18.78 15.32 -18.08
C GLY A 38 17.35 14.91 -18.37
N VAL A 39 16.39 15.74 -17.96
CA VAL A 39 14.98 15.45 -18.22
C VAL A 39 14.69 15.30 -19.71
N ASP A 40 15.25 16.20 -20.51
CA ASP A 40 15.07 16.13 -21.95
C ASP A 40 15.74 14.90 -22.55
N LYS A 41 16.97 14.62 -22.12
CA LYS A 41 17.78 13.53 -22.64
C LYS A 41 17.20 12.15 -22.28
N VAL A 42 16.96 11.93 -20.98
CA VAL A 42 16.35 10.70 -20.49
C VAL A 42 15.02 10.40 -21.19
N VAL A 43 14.15 11.40 -21.29
CA VAL A 43 12.88 11.23 -21.98
C VAL A 43 13.07 10.84 -23.46
N ALA A 44 14.01 11.49 -24.15
CA ALA A 44 14.28 11.19 -25.56
C ALA A 44 14.82 9.77 -25.76
N ASP A 45 15.80 9.39 -24.95
CA ASP A 45 16.43 8.08 -25.06
C ASP A 45 15.52 6.93 -24.61
N LEU A 46 14.82 7.13 -23.50
CA LEU A 46 14.05 6.03 -22.90
C LEU A 46 12.59 5.89 -23.32
N THR A 47 12.00 6.91 -23.94
CA THR A 47 10.61 6.81 -24.39
C THR A 47 10.29 5.65 -25.36
N PRO A 48 11.14 5.42 -26.38
CA PRO A 48 10.90 4.30 -27.31
C PRO A 48 10.74 2.91 -26.67
N GLN A 49 11.65 2.55 -25.77
CA GLN A 49 11.58 1.27 -25.07
C GLN A 49 10.36 1.17 -24.15
N ASN A 50 10.03 2.27 -23.49
CA ASN A 50 8.79 2.40 -22.75
C ASN A 50 7.59 2.08 -23.64
N GLN A 51 7.60 2.64 -24.83
CA GLN A 51 6.51 2.45 -25.77
C GLN A 51 6.46 1.00 -26.25
N ALA A 52 7.63 0.41 -26.51
CA ALA A 52 7.70 -0.94 -27.06
C ALA A 52 7.11 -1.99 -26.12
N LEU A 53 7.42 -1.84 -24.82
CA LEU A 53 6.92 -2.70 -23.77
C LEU A 53 5.40 -2.67 -23.72
N LEU A 54 4.81 -1.48 -23.81
CA LEU A 54 3.35 -1.36 -23.86
C LEU A 54 2.76 -2.10 -25.07
N ASN A 55 3.36 -1.90 -26.25
CA ASN A 55 2.92 -2.62 -27.46
C ASN A 55 3.05 -4.13 -27.29
N ALA A 56 4.11 -4.54 -26.60
CA ALA A 56 4.35 -5.93 -26.33
C ALA A 56 3.19 -6.56 -25.51
N ARG A 57 2.68 -5.81 -24.53
CA ARG A 57 1.55 -6.29 -23.72
C ARG A 57 0.34 -6.61 -24.59
N ASP A 58 0.06 -5.71 -25.51
CA ASP A 58 -1.09 -5.83 -26.39
C ASP A 58 -0.89 -7.00 -27.35
N GLU A 59 0.34 -7.21 -27.81
CA GLU A 59 0.66 -8.37 -28.64
C GLU A 59 0.18 -9.65 -27.94
N LEU A 60 0.71 -9.90 -26.75
CA LEU A 60 0.37 -11.06 -25.95
C LEU A 60 -1.13 -11.13 -25.70
N GLN A 61 -1.72 -10.03 -25.24
CA GLN A 61 -3.14 -10.02 -24.92
C GLN A 61 -4.05 -10.34 -26.14
N ALA A 62 -3.60 -9.99 -27.33
CA ALA A 62 -4.38 -10.27 -28.54
C ALA A 62 -4.19 -11.73 -28.99
N GLN A 63 -2.96 -12.22 -28.87
CA GLN A 63 -2.63 -13.60 -29.16
C GLN A 63 -3.40 -14.55 -28.25
N ILE A 64 -3.52 -14.17 -26.98
CA ILE A 64 -4.22 -14.96 -25.98
C ILE A 64 -5.73 -14.96 -26.25
N ASP A 65 -6.22 -13.89 -26.87
CA ASP A 65 -7.63 -13.80 -27.24
C ASP A 65 -8.05 -14.77 -28.36
N LYS A 66 -7.26 -14.82 -29.43
CA LYS A 66 -7.58 -15.71 -30.55
C LYS A 66 -7.47 -17.16 -30.11
N TRP A 67 -6.53 -17.44 -29.22
CA TRP A 67 -6.40 -18.78 -28.63
C TRP A 67 -7.69 -19.20 -27.91
N HIS A 68 -8.28 -18.30 -27.13
CA HIS A 68 -9.49 -18.64 -26.38
C HIS A 68 -10.76 -18.63 -27.23
N ARG A 69 -10.67 -18.13 -28.46
CA ARG A 69 -11.84 -18.08 -29.33
C ARG A 69 -12.09 -19.38 -30.09
N ARG A 70 -11.30 -20.42 -29.78
CA ARG A 70 -11.46 -21.74 -30.40
C ARG A 70 -11.30 -22.88 -29.39
N ARG A 71 -10.06 -23.07 -28.95
CA ARG A 71 -9.69 -23.98 -27.88
C ARG A 71 -10.66 -23.81 -26.70
N ILE A 76 -11.11 -28.74 -21.50
CA ILE A 76 -10.50 -27.51 -21.97
C ILE A 76 -9.02 -27.35 -21.53
N ASP A 77 -8.11 -27.79 -22.40
CA ASP A 77 -6.68 -28.07 -22.10
C ASP A 77 -5.96 -27.08 -21.18
N MET A 78 -4.91 -27.57 -20.52
CA MET A 78 -4.09 -26.75 -19.61
C MET A 78 -2.59 -26.98 -19.87
N ASP A 79 -2.28 -27.93 -20.75
CA ASP A 79 -0.90 -28.31 -21.04
C ASP A 79 -0.49 -27.89 -22.45
N ALA A 80 -1.47 -27.54 -23.28
CA ALA A 80 -1.19 -26.85 -24.54
C ALA A 80 -1.27 -25.33 -24.34
N TYR A 81 -2.12 -24.91 -23.40
CA TYR A 81 -2.19 -23.53 -22.96
C TYR A 81 -0.88 -23.12 -22.33
N ARG A 82 -0.25 -24.06 -21.63
CA ARG A 82 1.03 -23.77 -21.01
C ARG A 82 2.10 -23.67 -22.08
N GLN A 83 2.03 -24.56 -23.06
CA GLN A 83 3.04 -24.63 -24.09
C GLN A 83 2.92 -23.43 -25.03
N PHE A 84 1.69 -22.97 -25.23
CA PHE A 84 1.40 -21.82 -26.09
C PHE A 84 1.97 -20.52 -25.55
N LEU A 85 1.85 -20.32 -24.24
CA LEU A 85 2.43 -19.15 -23.57
C LEU A 85 3.97 -19.19 -23.54
N THR A 86 4.55 -20.36 -23.82
CA THR A 86 6.00 -20.51 -23.87
C THR A 86 6.47 -20.13 -25.27
N GLU A 87 5.56 -20.24 -26.23
CA GLU A 87 5.82 -19.83 -27.61
C GLU A 87 5.89 -18.31 -27.72
N ILE A 88 4.84 -17.66 -27.26
CA ILE A 88 4.67 -16.22 -27.45
C ILE A 88 5.60 -15.38 -26.56
N GLY A 89 6.36 -16.04 -25.69
CA GLY A 89 7.28 -15.35 -24.80
C GLY A 89 6.59 -14.66 -23.64
N TYR A 90 5.42 -15.20 -23.27
CA TYR A 90 4.66 -14.76 -22.09
C TYR A 90 5.25 -15.43 -20.86
N LEU A 91 5.61 -16.70 -21.05
CA LEU A 91 6.23 -17.50 -20.01
C LEU A 91 7.69 -17.74 -20.39
N LEU A 92 8.59 -17.26 -19.55
CA LEU A 92 10.01 -17.33 -19.84
C LEU A 92 10.68 -18.30 -18.89
N PRO A 93 11.81 -18.87 -19.33
CA PRO A 93 12.56 -19.80 -18.48
C PRO A 93 12.94 -19.20 -17.12
N GLU A 94 12.94 -20.04 -16.09
CA GLU A 94 13.35 -19.65 -14.74
C GLU A 94 14.86 -19.74 -14.59
N PRO A 95 15.50 -18.65 -14.14
CA PRO A 95 16.96 -18.68 -13.99
C PRO A 95 17.44 -19.60 -12.89
N ASP A 96 18.76 -19.76 -12.80
CA ASP A 96 19.37 -20.50 -11.72
C ASP A 96 19.18 -19.72 -10.43
N ASP A 97 19.16 -20.42 -9.30
CA ASP A 97 18.90 -19.78 -8.01
C ASP A 97 19.98 -18.74 -7.76
N PHE A 98 19.61 -17.65 -7.09
CA PHE A 98 20.55 -16.56 -6.83
C PHE A 98 20.20 -15.90 -5.51
N THR A 99 21.10 -15.02 -5.04
CA THR A 99 20.85 -14.19 -3.87
C THR A 99 20.94 -12.72 -4.28
N ILE A 100 20.04 -11.89 -3.75
CA ILE A 100 20.06 -10.46 -4.01
C ILE A 100 21.32 -9.84 -3.42
N THR A 101 21.71 -8.67 -3.91
CA THR A 101 22.94 -8.00 -3.46
C THR A 101 22.67 -6.57 -2.96
N THR A 102 21.41 -6.29 -2.64
CA THR A 102 20.96 -4.93 -2.31
C THR A 102 21.61 -4.40 -1.03
N SER A 103 22.56 -3.47 -1.17
CA SER A 103 23.24 -2.87 -0.02
C SER A 103 22.65 -1.52 0.39
N GLY A 104 23.07 -1.03 1.55
CA GLY A 104 22.64 0.26 2.04
C GLY A 104 21.15 0.34 2.27
N VAL A 105 20.61 -0.60 3.04
CA VAL A 105 19.19 -0.57 3.34
C VAL A 105 18.93 -0.41 4.85
N ASP A 106 17.96 0.42 5.17
CA ASP A 106 17.55 0.66 6.55
C ASP A 106 17.01 -0.59 7.24
N ALA A 107 17.18 -0.63 8.56
CA ALA A 107 16.81 -1.79 9.36
C ALA A 107 15.30 -2.03 9.33
N GLU A 108 14.55 -0.95 9.11
CA GLU A 108 13.10 -1.09 9.01
C GLU A 108 12.67 -1.97 7.85
N ILE A 109 13.55 -2.15 6.86
CA ILE A 109 13.26 -2.96 5.67
C ILE A 109 13.96 -4.32 5.63
N THR A 110 15.24 -4.34 6.00
CA THR A 110 16.03 -5.58 5.97
C THR A 110 15.59 -6.62 7.01
N THR A 111 15.38 -6.18 8.25
CA THR A 111 15.18 -7.13 9.36
C THR A 111 13.88 -6.93 10.12
N THR A 112 13.53 -5.68 10.43
CA THR A 112 12.35 -5.42 11.25
C THR A 112 11.09 -5.77 10.48
N ALA A 113 10.15 -6.38 11.17
CA ALA A 113 8.93 -6.87 10.53
C ALA A 113 7.72 -6.33 11.26
N GLY A 114 6.83 -5.70 10.51
CA GLY A 114 5.71 -5.03 11.11
C GLY A 114 4.76 -4.59 10.02
N PRO A 115 3.71 -3.86 10.39
CA PRO A 115 2.72 -3.34 9.44
C PRO A 115 3.26 -2.18 8.60
N GLN A 116 2.63 -1.95 7.45
CA GLN A 116 3.09 -0.95 6.49
C GLN A 116 1.89 -0.13 6.03
N LEU A 117 1.98 1.19 6.20
CA LEU A 117 0.85 2.04 5.84
C LEU A 117 0.94 2.51 4.39
N VAL A 118 -0.22 2.70 3.78
CA VAL A 118 -0.31 3.24 2.43
C VAL A 118 -1.28 4.40 2.46
N VAL A 119 -0.81 5.54 1.95
CA VAL A 119 -1.49 6.82 2.11
C VAL A 119 -1.43 7.65 0.82
N PRO A 120 -2.52 8.34 0.50
CA PRO A 120 -2.53 9.25 -0.66
C PRO A 120 -1.66 10.49 -0.41
N VAL A 121 -0.52 10.63 -1.11
CA VAL A 121 0.40 11.75 -0.87
C VAL A 121 -0.26 13.12 -1.05
N LEU A 122 -1.26 13.16 -1.94
CA LEU A 122 -2.03 14.36 -2.26
C LEU A 122 -2.77 14.91 -1.05
N ASN A 123 -2.98 14.05 -0.06
CA ASN A 123 -3.67 14.45 1.16
C ASN A 123 -2.60 14.76 2.20
N ALA A 124 -2.30 16.04 2.36
CA ALA A 124 -1.19 16.47 3.22
C ALA A 124 -1.47 16.11 4.67
N ARG A 125 -2.75 15.94 4.95
CA ARG A 125 -3.21 15.62 6.29
C ARG A 125 -2.89 14.18 6.63
N PHE A 126 -3.31 13.23 5.80
CA PHE A 126 -3.08 11.81 6.10
C PHE A 126 -1.59 11.45 6.03
N ALA A 127 -0.88 12.05 5.07
CA ALA A 127 0.54 11.74 4.90
C ALA A 127 1.29 12.16 6.16
N LEU A 128 0.89 13.29 6.72
CA LEU A 128 1.33 13.73 8.05
C LEU A 128 1.11 12.65 9.11
N ASN A 129 -0.13 12.23 9.29
CA ASN A 129 -0.45 11.20 10.28
C ASN A 129 0.33 9.90 10.05
N ALA A 130 0.39 9.47 8.79
CA ALA A 130 1.05 8.20 8.44
C ALA A 130 2.51 8.16 8.81
N ALA A 131 3.12 9.33 8.95
CA ALA A 131 4.55 9.40 9.19
C ALA A 131 4.77 9.38 10.69
N ASN A 132 3.76 9.86 11.40
CA ASN A 132 3.77 9.89 12.85
C ASN A 132 3.17 8.59 13.43
N ALA A 133 2.70 7.72 12.54
CA ALA A 133 2.07 6.46 12.96
C ALA A 133 3.03 5.29 13.19
N ARG A 134 4.31 5.58 13.41
CA ARG A 134 5.23 4.54 13.86
C ARG A 134 5.01 4.33 15.35
N TRP A 135 4.31 5.29 15.95
CA TRP A 135 3.96 5.17 17.35
C TRP A 135 2.48 5.51 17.50
N GLY A 136 1.77 4.69 18.27
CA GLY A 136 0.35 4.87 18.44
C GLY A 136 -0.16 4.25 19.73
N SER A 137 -1.11 4.95 20.35
CA SER A 137 -1.74 4.49 21.57
C SER A 137 -2.51 3.18 21.30
N LEU A 138 -2.24 2.15 22.10
CA LEU A 138 -3.00 0.90 21.97
C LEU A 138 -4.36 1.09 22.61
N TYR A 139 -4.41 1.94 23.62
CA TYR A 139 -5.65 2.21 24.33
C TYR A 139 -6.67 2.85 23.40
N ASP A 140 -6.26 3.96 22.76
CA ASP A 140 -7.06 4.65 21.76
C ASP A 140 -7.61 3.65 20.76
N ALA A 141 -6.71 2.86 20.20
CA ALA A 141 -7.06 1.90 19.17
C ALA A 141 -8.11 0.87 19.65
N LEU A 142 -7.89 0.26 20.81
CA LEU A 142 -8.86 -0.71 21.34
C LEU A 142 -10.20 -0.07 21.73
N TYR A 143 -10.15 1.16 22.22
CA TYR A 143 -11.32 1.87 22.75
C TYR A 143 -12.27 2.32 21.64
N GLY A 144 -11.72 3.04 20.66
CA GLY A 144 -12.49 3.59 19.55
C GLY A 144 -13.13 2.56 18.62
N THR A 145 -12.35 1.57 18.19
CA THR A 145 -12.90 0.60 17.23
C THR A 145 -13.81 -0.42 17.88
N ASP A 146 -14.11 -1.50 17.17
CA ASP A 146 -15.02 -2.52 17.66
C ASP A 146 -14.26 -3.73 18.19
N VAL A 147 -13.00 -3.52 18.58
CA VAL A 147 -12.18 -4.63 19.08
C VAL A 147 -12.64 -5.06 20.47
N ILE A 148 -13.00 -4.09 21.29
CA ILE A 148 -13.73 -4.33 22.53
C ILE A 148 -15.22 -4.09 22.23
N PRO A 149 -16.01 -5.16 22.25
CA PRO A 149 -17.43 -5.11 21.86
C PRO A 149 -18.22 -4.10 22.69
N GLU A 150 -19.04 -3.29 22.03
CA GLU A 150 -19.91 -2.33 22.70
C GLU A 150 -21.10 -3.07 23.27
N THR A 151 -20.82 -4.04 24.14
CA THR A 151 -21.78 -5.10 24.43
C THR A 151 -22.49 -4.99 25.79
N ASP A 152 -21.74 -4.76 26.86
CA ASP A 152 -22.30 -4.79 28.22
C ASP A 152 -21.99 -3.53 29.01
N GLY A 153 -22.50 -2.40 28.54
CA GLY A 153 -22.17 -1.12 29.14
C GLY A 153 -20.87 -0.57 28.59
N ALA A 154 -20.33 -1.24 27.57
CA ALA A 154 -19.07 -0.82 26.96
C ALA A 154 -19.32 0.06 25.74
N GLU A 155 -20.56 0.44 25.50
CA GLU A 155 -20.89 1.25 24.33
C GLU A 155 -20.21 2.60 24.41
N LYS A 156 -19.69 3.05 23.27
CA LYS A 156 -19.08 4.37 23.19
C LYS A 156 -20.15 5.44 23.33
N GLY A 157 -19.92 6.38 24.24
CA GLY A 157 -20.80 7.52 24.42
C GLY A 157 -20.09 8.84 24.17
N PRO A 158 -20.67 9.94 24.65
CA PRO A 158 -20.03 11.27 24.53
C PRO A 158 -18.97 11.48 25.62
N THR A 159 -19.31 11.10 26.85
CA THR A 159 -18.34 11.09 27.95
C THR A 159 -17.57 9.76 27.94
N TYR A 160 -16.40 9.75 28.57
CA TYR A 160 -15.59 8.54 28.71
C TYR A 160 -16.35 7.42 29.43
N ASN A 161 -16.29 6.21 28.86
CA ASN A 161 -16.91 5.04 29.46
C ASN A 161 -15.87 4.27 30.31
N LYS A 162 -16.08 4.23 31.63
CA LYS A 162 -15.17 3.54 32.53
C LYS A 162 -15.24 2.02 32.35
N VAL A 163 -16.38 1.52 31.89
CA VAL A 163 -16.56 0.08 31.72
C VAL A 163 -15.77 -0.38 30.51
N ARG A 164 -15.83 0.42 29.46
CA ARG A 164 -15.09 0.18 28.23
C ARG A 164 -13.60 0.43 28.44
N GLY A 165 -13.28 1.39 29.29
CA GLY A 165 -11.89 1.74 29.54
C GLY A 165 -11.15 0.64 30.27
N ASP A 166 -11.83 -0.01 31.21
CA ASP A 166 -11.25 -1.11 31.99
C ASP A 166 -11.02 -2.35 31.11
N LYS A 167 -11.92 -2.57 30.16
CA LYS A 167 -11.83 -3.72 29.28
C LYS A 167 -10.63 -3.58 28.34
N VAL A 168 -10.43 -2.35 27.84
CA VAL A 168 -9.25 -1.99 27.09
C VAL A 168 -7.96 -2.27 27.86
N ILE A 169 -7.87 -1.77 29.10
CA ILE A 169 -6.76 -2.07 30.01
C ILE A 169 -6.47 -3.57 30.16
N ALA A 170 -7.52 -4.34 30.45
CA ALA A 170 -7.40 -5.80 30.57
C ALA A 170 -6.82 -6.44 29.31
N TYR A 171 -7.27 -5.98 28.16
CA TYR A 171 -6.79 -6.50 26.87
C TYR A 171 -5.29 -6.23 26.72
N ALA A 172 -4.88 -5.00 26.99
CA ALA A 172 -3.47 -4.61 26.94
C ALA A 172 -2.67 -5.40 27.97
N ARG A 173 -3.31 -5.69 29.09
CA ARG A 173 -2.70 -6.51 30.13
C ARG A 173 -2.39 -7.92 29.63
N LYS A 174 -3.32 -8.49 28.86
CA LYS A 174 -3.13 -9.83 28.30
C LYS A 174 -2.06 -9.84 27.22
N PHE A 175 -2.05 -8.79 26.39
CA PHE A 175 -1.01 -8.64 25.36
C PHE A 175 0.38 -8.56 25.96
N LEU A 176 0.49 -7.85 27.09
CA LEU A 176 1.77 -7.74 27.77
C LEU A 176 2.22 -9.10 28.33
N ASP A 177 1.29 -9.89 28.87
CA ASP A 177 1.57 -11.28 29.30
C ASP A 177 1.96 -12.19 28.14
N ASP A 178 1.40 -11.90 26.96
CA ASP A 178 1.54 -12.73 25.77
C ASP A 178 2.83 -12.43 25.03
N SER A 179 3.33 -11.23 25.19
CA SER A 179 4.50 -10.79 24.43
C SER A 179 5.75 -10.74 25.30
N VAL A 180 5.67 -9.99 26.39
CA VAL A 180 6.78 -9.86 27.33
C VAL A 180 6.40 -10.44 28.71
N PRO A 181 6.49 -11.78 28.85
CA PRO A 181 5.97 -12.49 30.02
C PRO A 181 6.81 -12.32 31.28
N LEU A 182 6.16 -12.29 32.44
CA LEU A 182 6.85 -12.28 33.73
C LEU A 182 7.30 -13.69 34.14
N SER A 183 8.20 -13.77 35.12
CA SER A 183 8.70 -15.06 35.61
C SER A 183 7.66 -15.76 36.46
N SER A 184 6.88 -14.99 37.20
CA SER A 184 5.74 -15.52 37.94
C SER A 184 4.69 -14.43 38.12
N GLY A 185 3.51 -14.66 37.56
CA GLY A 185 2.43 -13.68 37.61
C GLY A 185 2.17 -12.98 36.28
N SER A 186 1.27 -12.00 36.32
CA SER A 186 0.87 -11.28 35.12
C SER A 186 1.02 -9.78 35.31
N PHE A 187 0.81 -9.01 34.24
CA PHE A 187 0.84 -7.55 34.34
C PHE A 187 -0.45 -7.02 34.94
N GLY A 188 -1.48 -7.87 34.99
CA GLY A 188 -2.73 -7.53 35.66
C GLY A 188 -2.59 -7.36 37.17
N ASP A 189 -1.75 -8.18 37.79
CA ASP A 189 -1.57 -8.10 39.23
C ASP A 189 -0.53 -7.05 39.62
N ALA A 190 0.18 -6.53 38.60
CA ALA A 190 1.26 -5.56 38.80
C ALA A 190 0.78 -4.33 39.55
N THR A 191 1.71 -3.67 40.23
CA THR A 191 1.39 -2.53 41.08
C THR A 191 2.41 -1.40 40.91
N GLY A 192 3.55 -1.73 40.31
CA GLY A 192 4.62 -0.75 40.14
C GLY A 192 5.78 -1.31 39.36
N PHE A 193 6.65 -0.42 38.89
CA PHE A 193 7.81 -0.82 38.09
C PHE A 193 9.10 -0.17 38.60
N THR A 194 10.19 -0.92 38.52
CA THR A 194 11.51 -0.47 38.92
C THR A 194 12.57 -1.11 38.03
N VAL A 195 13.70 -0.44 37.86
CA VAL A 195 14.84 -1.03 37.16
C VAL A 195 16.03 -1.07 38.10
N GLN A 196 16.08 -2.10 38.93
CA GLN A 196 17.20 -2.25 39.86
C GLN A 196 18.26 -3.15 39.22
N ASP A 197 19.53 -2.78 39.42
CA ASP A 197 20.67 -3.46 38.79
C ASP A 197 20.60 -3.45 37.26
N GLY A 198 19.93 -2.44 36.71
CA GLY A 198 19.70 -2.37 35.27
C GLY A 198 18.83 -3.52 34.79
N GLN A 199 17.90 -3.95 35.65
CA GLN A 199 17.00 -5.04 35.31
C GLN A 199 15.58 -4.66 35.69
N LEU A 200 14.63 -5.01 34.84
CA LEU A 200 13.24 -4.67 35.12
C LEU A 200 12.66 -5.62 36.17
N VAL A 201 12.17 -5.02 37.24
CA VAL A 201 11.51 -5.76 38.30
C VAL A 201 10.10 -5.22 38.47
N VAL A 202 9.13 -6.13 38.58
CA VAL A 202 7.73 -5.72 38.67
C VAL A 202 7.11 -6.09 40.02
N ALA A 203 6.55 -5.09 40.69
CA ALA A 203 5.91 -5.29 41.98
C ALA A 203 4.62 -6.11 41.87
N LEU A 204 4.52 -7.15 42.69
CA LEU A 204 3.29 -7.92 42.85
C LEU A 204 2.73 -7.72 44.26
N PRO A 205 1.44 -8.05 44.49
CA PRO A 205 0.82 -7.79 45.80
C PRO A 205 1.49 -8.54 46.95
N ASP A 206 2.08 -9.69 46.67
CA ASP A 206 2.75 -10.50 47.68
C ASP A 206 4.27 -10.53 47.49
N LYS A 207 4.72 -10.73 46.26
CA LYS A 207 6.15 -10.82 45.96
C LYS A 207 6.57 -9.76 44.93
N SER A 208 7.62 -10.08 44.18
CA SER A 208 8.11 -9.21 43.11
C SER A 208 8.89 -10.02 42.09
N THR A 209 8.38 -10.07 40.87
CA THR A 209 8.99 -10.87 39.82
C THR A 209 9.75 -9.99 38.83
N GLY A 210 10.66 -10.61 38.08
CA GLY A 210 11.39 -9.92 37.03
C GLY A 210 10.90 -10.40 35.67
N LEU A 211 11.65 -10.06 34.63
CA LEU A 211 11.27 -10.47 33.29
C LEU A 211 11.86 -11.84 32.98
N ALA A 212 11.00 -12.79 32.64
CA ALA A 212 11.40 -14.17 32.32
C ALA A 212 12.48 -14.20 31.25
N ASN A 213 12.36 -13.30 30.28
CA ASN A 213 13.39 -13.08 29.28
C ASN A 213 13.88 -11.63 29.41
N PRO A 214 14.88 -11.41 30.26
CA PRO A 214 15.28 -10.07 30.68
C PRO A 214 15.83 -9.22 29.54
N GLY A 215 16.16 -9.85 28.41
CA GLY A 215 16.68 -9.13 27.24
C GLY A 215 15.61 -8.32 26.53
N GLN A 216 14.35 -8.69 26.75
CA GLN A 216 13.20 -7.98 26.16
C GLN A 216 13.01 -6.60 26.77
N PHE A 217 13.62 -6.38 27.93
CA PHE A 217 13.73 -5.06 28.53
C PHE A 217 14.73 -4.25 27.67
N ALA A 218 14.35 -3.03 27.30
CA ALA A 218 15.15 -2.27 26.34
C ALA A 218 15.54 -0.86 26.78
N GLY A 219 14.85 -0.33 27.78
CA GLY A 219 15.11 1.02 28.25
C GLY A 219 14.02 1.56 29.15
N TYR A 220 14.06 2.87 29.38
CA TYR A 220 13.10 3.56 30.25
C TYR A 220 13.33 5.08 30.24
N THR A 221 12.36 5.83 30.75
CA THR A 221 12.53 7.28 30.94
C THR A 221 12.10 7.67 32.35
N GLY A 222 12.86 8.58 32.98
CA GLY A 222 12.61 8.97 34.36
C GLY A 222 13.59 8.38 35.36
N ALA A 223 13.19 8.33 36.64
CA ALA A 223 14.00 7.69 37.67
C ALA A 223 14.07 6.17 37.46
N ALA A 224 15.24 5.58 37.66
CA ALA A 224 15.42 4.14 37.48
C ALA A 224 14.64 3.30 38.50
N GLU A 225 14.45 3.87 39.70
CA GLU A 225 13.73 3.19 40.78
C GLU A 225 12.25 3.53 40.77
N SER A 226 11.86 4.39 39.83
CA SER A 226 10.45 4.71 39.56
C SER A 226 10.31 5.57 38.30
N PRO A 227 10.13 4.91 37.15
CA PRO A 227 10.17 5.58 35.83
C PRO A 227 8.88 6.28 35.42
N THR A 228 8.98 7.17 34.44
CA THR A 228 7.81 7.79 33.82
C THR A 228 7.30 6.97 32.62
N SER A 229 8.03 5.90 32.31
CA SER A 229 7.75 5.02 31.18
C SER A 229 8.65 3.76 31.21
N VAL A 230 8.20 2.68 30.57
CA VAL A 230 9.01 1.47 30.48
C VAL A 230 9.09 1.03 29.02
N LEU A 231 10.29 0.77 28.53
CA LEU A 231 10.47 0.41 27.13
C LEU A 231 10.82 -1.06 26.97
N LEU A 232 10.07 -1.75 26.11
CA LEU A 232 10.26 -3.18 25.88
C LEU A 232 10.45 -3.46 24.40
N ILE A 233 11.12 -4.57 24.09
CA ILE A 233 11.20 -5.03 22.72
C ILE A 233 10.63 -6.45 22.63
N ASN A 234 10.25 -6.85 21.42
CA ASN A 234 9.76 -8.19 21.13
C ASN A 234 9.63 -8.31 19.61
N HIS A 235 10.26 -9.35 19.04
CA HIS A 235 10.20 -9.58 17.60
C HIS A 235 10.65 -8.34 16.79
N GLY A 236 11.61 -7.60 17.34
CA GLY A 236 12.12 -6.39 16.70
C GLY A 236 11.34 -5.12 17.04
N LEU A 237 10.02 -5.26 17.17
CA LEU A 237 9.15 -4.13 17.48
C LEU A 237 9.22 -3.73 18.95
N HIS A 238 8.96 -2.45 19.23
CA HIS A 238 9.07 -1.92 20.58
C HIS A 238 7.69 -1.76 21.23
N ILE A 239 7.68 -1.63 22.56
CA ILE A 239 6.46 -1.47 23.36
C ILE A 239 6.72 -0.46 24.47
N GLU A 240 5.85 0.52 24.63
CA GLU A 240 6.02 1.50 25.71
C GLU A 240 4.85 1.52 26.70
N ILE A 241 5.18 1.33 27.97
CA ILE A 241 4.22 1.42 29.05
C ILE A 241 4.36 2.78 29.72
N LEU A 242 3.46 3.70 29.40
CA LEU A 242 3.50 5.04 30.00
C LEU A 242 2.98 4.98 31.43
N ILE A 243 3.86 5.31 32.40
CA ILE A 243 3.50 5.27 33.82
C ILE A 243 3.24 6.66 34.40
N ASP A 244 1.97 6.95 34.68
CA ASP A 244 1.57 8.24 35.23
C ASP A 244 0.30 8.03 36.03
N PRO A 245 0.43 7.95 37.37
CA PRO A 245 -0.73 7.68 38.23
C PRO A 245 -1.51 8.95 38.52
N GLU A 246 -1.14 10.04 37.83
CA GLU A 246 -1.76 11.34 38.03
C GLU A 246 -2.77 11.64 36.92
N SER A 247 -2.61 10.97 35.79
CA SER A 247 -3.57 11.10 34.70
C SER A 247 -4.83 10.30 35.02
N GLN A 248 -5.97 10.75 34.50
CA GLN A 248 -7.27 10.21 34.91
C GLN A 248 -7.52 8.75 34.56
N VAL A 249 -6.54 8.11 33.92
CA VAL A 249 -6.59 6.68 33.68
C VAL A 249 -5.76 5.97 34.72
N GLY A 250 -4.54 6.48 34.93
CA GLY A 250 -3.58 5.85 35.80
C GLY A 250 -3.90 6.03 37.27
N THR A 251 -4.91 6.85 37.57
CA THR A 251 -5.36 7.05 38.95
C THR A 251 -6.11 5.82 39.43
N THR A 252 -6.89 5.24 38.53
CA THR A 252 -7.70 4.05 38.84
C THR A 252 -7.01 2.78 38.35
N ASP A 253 -5.76 2.92 37.92
CA ASP A 253 -5.00 1.78 37.41
C ASP A 253 -4.05 1.21 38.46
N ARG A 254 -4.04 -0.12 38.57
CA ARG A 254 -3.27 -0.85 39.59
C ARG A 254 -1.77 -0.54 39.58
N ALA A 255 -1.20 -0.24 38.42
CA ALA A 255 0.23 0.03 38.31
C ALA A 255 0.55 1.48 37.93
N GLY A 256 -0.50 2.29 37.82
CA GLY A 256 -0.34 3.68 37.45
C GLY A 256 -0.22 3.87 35.94
N VAL A 257 -0.35 2.77 35.20
CA VAL A 257 -0.25 2.82 33.75
C VAL A 257 -1.30 3.73 33.12
N LYS A 258 -0.80 4.70 32.33
CA LYS A 258 -1.62 5.68 31.63
C LYS A 258 -2.09 5.18 30.27
N ASP A 259 -1.31 4.28 29.67
CA ASP A 259 -1.44 3.96 28.24
C ASP A 259 -0.33 3.01 27.79
N VAL A 260 -0.57 2.32 26.68
CA VAL A 260 0.44 1.45 26.09
C VAL A 260 0.68 1.88 24.64
N ILE A 261 1.92 2.25 24.33
CA ILE A 261 2.25 2.69 23.00
C ILE A 261 2.98 1.58 22.23
N LEU A 262 2.56 1.34 20.99
CA LEU A 262 3.19 0.31 20.16
C LEU A 262 3.82 0.87 18.91
N GLU A 263 4.97 0.31 18.54
CA GLU A 263 5.55 0.57 17.21
C GLU A 263 4.62 0.01 16.10
N SER A 264 3.94 0.92 15.41
CA SER A 264 2.88 0.56 14.46
C SER A 264 3.39 0.55 13.02
N ALA A 265 3.07 1.60 12.27
CA ALA A 265 3.63 1.78 10.92
C ALA A 265 5.14 1.95 10.97
N ILE A 266 5.87 0.89 10.68
CA ILE A 266 7.32 0.95 10.72
C ILE A 266 7.77 1.65 9.46
N THR A 267 7.09 1.34 8.36
CA THR A 267 7.28 2.02 7.10
C THR A 267 5.92 2.48 6.57
N THR A 268 5.93 3.58 5.83
CA THR A 268 4.75 4.09 5.15
C THR A 268 5.08 4.26 3.69
N ILE A 269 4.11 3.99 2.82
CA ILE A 269 4.25 4.24 1.41
C ILE A 269 3.44 5.47 1.03
N MET A 270 4.13 6.53 0.62
CA MET A 270 3.47 7.78 0.20
C MET A 270 3.13 7.67 -1.26
N ASP A 271 1.87 7.82 -1.60
CA ASP A 271 1.37 7.22 -2.85
C ASP A 271 0.92 8.15 -3.97
N PHE A 272 1.53 7.99 -5.15
CA PHE A 272 1.15 8.78 -6.34
C PHE A 272 0.28 7.99 -7.33
N GLU A 273 -0.12 6.78 -6.98
CA GLU A 273 -0.81 5.97 -7.96
C GLU A 273 -2.28 5.74 -7.61
N ASP A 274 -2.66 4.53 -7.18
CA ASP A 274 -4.10 4.20 -7.12
C ASP A 274 -4.94 4.85 -6.00
N SER A 275 -4.33 5.57 -5.08
CA SER A 275 -5.08 6.20 -3.99
C SER A 275 -5.34 7.69 -4.16
N VAL A 276 -4.85 8.24 -5.28
CA VAL A 276 -4.87 9.68 -5.51
C VAL A 276 -5.39 9.97 -6.91
N ALA A 277 -6.02 11.13 -7.10
CA ALA A 277 -6.45 11.54 -8.43
C ALA A 277 -5.59 12.71 -8.94
N ALA A 278 -4.86 12.46 -10.01
CA ALA A 278 -3.90 13.44 -10.50
C ALA A 278 -3.80 13.32 -12.00
N VAL A 279 -4.56 14.16 -12.70
CA VAL A 279 -4.74 14.00 -14.14
C VAL A 279 -4.13 15.13 -14.95
N ASP A 280 -3.56 16.12 -14.26
CA ASP A 280 -2.96 17.29 -14.92
C ASP A 280 -1.71 17.78 -14.17
N ALA A 281 -1.05 18.80 -14.72
CA ALA A 281 0.20 19.29 -14.13
C ALA A 281 0.01 19.93 -12.75
N ALA A 282 -1.12 20.61 -12.55
CA ALA A 282 -1.41 21.24 -11.26
C ALA A 282 -1.56 20.20 -10.14
N ASP A 283 -2.12 19.05 -10.48
CA ASP A 283 -2.30 17.96 -9.52
C ASP A 283 -0.98 17.35 -9.06
N LYS A 284 -0.10 17.07 -10.03
CA LYS A 284 1.18 16.43 -9.75
C LYS A 284 2.04 17.26 -8.79
N VAL A 285 1.82 18.57 -8.78
CA VAL A 285 2.63 19.51 -8.00
C VAL A 285 2.18 19.55 -6.53
N LEU A 286 0.87 19.44 -6.32
CA LEU A 286 0.32 19.23 -4.99
C LEU A 286 0.97 18.01 -4.37
N GLY A 287 1.05 16.92 -5.14
CA GLY A 287 1.68 15.69 -4.69
C GLY A 287 3.16 15.88 -4.40
N TYR A 288 3.88 16.45 -5.35
CA TYR A 288 5.29 16.76 -5.18
C TYR A 288 5.57 17.72 -4.02
N ARG A 289 4.67 18.68 -3.81
CA ARG A 289 4.90 19.67 -2.76
C ARG A 289 4.79 19.03 -1.38
N ASN A 290 3.91 18.04 -1.30
CA ASN A 290 3.72 17.28 -0.07
C ASN A 290 4.88 16.35 0.14
N TRP A 291 5.24 15.60 -0.89
CA TRP A 291 6.40 14.72 -0.86
C TRP A 291 7.66 15.51 -0.48
N LEU A 292 7.76 16.75 -0.97
CA LEU A 292 8.84 17.64 -0.56
C LEU A 292 8.83 17.93 0.94
N GLY A 293 7.66 18.30 1.45
CA GLY A 293 7.47 18.57 2.87
C GLY A 293 7.93 17.43 3.75
N LEU A 294 7.61 16.20 3.34
CA LEU A 294 7.97 15.01 4.11
C LEU A 294 9.49 14.79 4.15
N ASN A 295 10.16 15.21 3.08
CA ASN A 295 11.61 14.98 2.96
C ASN A 295 12.47 16.03 3.67
N LYS A 296 12.06 17.29 3.62
CA LYS A 296 12.71 18.29 4.45
C LYS A 296 12.28 18.13 5.90
N GLY A 297 11.08 17.59 6.11
CA GLY A 297 10.56 17.40 7.44
C GLY A 297 9.99 18.67 8.02
N ASP A 298 9.35 19.47 7.16
CA ASP A 298 8.72 20.71 7.61
C ASP A 298 7.28 20.84 7.09
N LEU A 299 6.70 19.72 6.69
CA LEU A 299 5.30 19.72 6.28
C LEU A 299 4.40 19.94 7.49
N ALA A 300 3.35 20.76 7.34
CA ALA A 300 2.50 21.06 8.49
C ALA A 300 1.06 21.46 8.14
N ALA A 301 0.15 21.21 9.09
CA ALA A 301 -1.25 21.56 8.96
C ALA A 301 -1.72 22.45 10.12
N ARG A 312 -0.61 19.14 12.54
CA ARG A 312 0.53 20.01 12.80
C ARG A 312 1.84 19.45 12.25
N VAL A 313 2.89 19.46 13.07
CA VAL A 313 4.23 19.13 12.60
C VAL A 313 4.50 17.62 12.54
N LEU A 314 5.67 17.25 12.08
CA LEU A 314 6.11 15.86 12.12
C LEU A 314 6.88 15.63 13.41
N ASN A 315 6.86 14.39 13.89
CA ASN A 315 7.49 14.07 15.17
C ASN A 315 8.99 13.88 15.10
N ARG A 316 9.65 14.07 16.25
CA ARG A 316 11.09 13.96 16.34
C ARG A 316 11.44 12.60 16.92
N ASP A 317 12.72 12.31 17.08
CA ASP A 317 13.14 11.05 17.69
C ASP A 317 12.66 10.96 19.13
N ARG A 318 12.68 9.75 19.65
CA ARG A 318 12.27 9.50 21.03
C ARG A 318 13.49 9.09 21.86
N ASN A 319 13.75 9.85 22.92
CA ASN A 319 14.92 9.59 23.77
C ASN A 319 14.62 8.61 24.91
N TYR A 320 15.54 7.67 25.15
CA TYR A 320 15.41 6.70 26.23
C TYR A 320 16.69 6.51 27.02
N THR A 321 16.59 5.83 28.15
CA THR A 321 17.76 5.51 28.98
C THR A 321 17.95 3.99 29.05
N ALA A 322 19.13 3.53 28.65
CA ALA A 322 19.41 2.09 28.55
C ALA A 322 19.41 1.42 29.93
N PRO A 323 19.31 0.07 29.95
CA PRO A 323 19.50 -0.65 31.22
C PRO A 323 20.97 -0.61 31.64
N GLY A 324 21.84 -0.37 30.67
CA GLY A 324 23.27 -0.22 30.93
C GLY A 324 23.60 1.13 31.54
N GLY A 325 22.66 2.08 31.43
CA GLY A 325 22.80 3.39 32.04
C GLY A 325 22.77 4.55 31.05
N GLY A 326 23.30 4.31 29.85
CA GLY A 326 23.44 5.34 28.85
C GLY A 326 22.14 5.95 28.35
N GLN A 327 22.24 6.80 27.33
CA GLN A 327 21.07 7.41 26.72
C GLN A 327 21.12 7.20 25.21
N PHE A 328 20.08 6.58 24.65
CA PHE A 328 20.01 6.30 23.21
C PHE A 328 18.74 6.86 22.57
N THR A 329 18.57 6.65 21.28
CA THR A 329 17.48 7.25 20.52
C THR A 329 16.80 6.28 19.56
N LEU A 330 15.50 6.45 19.38
CA LEU A 330 14.72 5.63 18.42
C LEU A 330 14.02 6.51 17.40
N PRO A 331 13.94 6.07 16.14
CA PRO A 331 13.21 6.82 15.12
C PRO A 331 11.75 6.99 15.54
N GLY A 332 11.24 8.22 15.44
CA GLY A 332 9.88 8.51 15.86
C GLY A 332 9.00 8.79 14.66
N ARG A 333 9.55 8.54 13.48
CA ARG A 333 8.81 8.70 12.25
C ARG A 333 8.88 7.40 11.47
N SER A 334 7.88 7.18 10.62
CA SER A 334 7.86 5.98 9.82
C SER A 334 8.76 6.12 8.61
N LEU A 335 9.68 5.17 8.41
CA LEU A 335 10.50 5.20 7.19
C LEU A 335 9.61 5.19 5.93
N MET A 336 9.74 6.22 5.10
CA MET A 336 8.78 6.44 4.03
C MET A 336 9.23 5.90 2.67
N PHE A 337 8.31 5.22 2.01
CA PHE A 337 8.44 4.87 0.61
C PHE A 337 7.74 5.95 -0.16
N VAL A 338 7.96 5.96 -1.46
CA VAL A 338 7.08 6.72 -2.34
C VAL A 338 6.73 5.74 -3.45
N ARG A 339 5.46 5.69 -3.85
CA ARG A 339 5.08 4.84 -4.97
C ARG A 339 4.76 5.66 -6.20
N ASN A 340 5.53 5.42 -7.26
CA ASN A 340 5.30 6.08 -8.53
C ASN A 340 4.19 5.38 -9.30
N VAL A 341 3.75 5.95 -10.43
CA VAL A 341 2.76 5.26 -11.24
C VAL A 341 3.51 4.30 -12.15
N GLY A 342 2.79 3.35 -12.75
CA GLY A 342 3.39 2.36 -13.63
C GLY A 342 3.85 2.91 -14.98
N HIS A 343 4.04 2.03 -15.95
CA HIS A 343 4.54 2.41 -17.27
C HIS A 343 3.47 2.93 -18.21
N LEU A 344 2.22 2.58 -17.96
CA LEU A 344 1.16 2.92 -18.92
C LEU A 344 0.99 4.43 -19.22
N MET A 345 0.52 5.20 -18.24
CA MET A 345 0.02 6.54 -18.50
C MET A 345 1.07 7.58 -18.92
N THR A 346 0.58 8.57 -19.67
CA THR A 346 1.33 9.79 -19.94
C THR A 346 0.61 10.95 -19.28
N ASN A 347 1.37 11.92 -18.82
CA ASN A 347 0.82 13.12 -18.21
C ASN A 347 1.27 14.39 -18.96
N ASP A 348 0.32 15.24 -19.35
CA ASP A 348 0.63 16.50 -20.07
C ASP A 348 1.25 17.59 -19.20
N ALA A 349 1.90 17.18 -18.11
CA ALA A 349 2.71 18.10 -17.31
C ALA A 349 3.94 18.46 -18.12
N ILE A 350 4.15 17.70 -19.18
CA ILE A 350 5.21 17.94 -20.13
C ILE A 350 4.73 17.39 -21.46
N VAL A 351 4.88 18.17 -22.53
CA VAL A 351 4.60 17.70 -23.88
C VAL A 351 5.82 17.92 -24.77
N ASP A 352 5.96 17.11 -25.81
CA ASP A 352 7.04 17.31 -26.77
C ASP A 352 6.67 18.45 -27.74
N THR A 353 7.52 18.67 -28.73
CA THR A 353 7.28 19.73 -29.69
C THR A 353 6.07 19.41 -30.57
N ASP A 354 5.79 18.11 -30.72
CA ASP A 354 4.67 17.64 -31.54
C ASP A 354 3.37 17.54 -30.74
N GLY A 355 3.43 17.86 -29.44
CA GLY A 355 2.24 17.89 -28.59
C GLY A 355 1.91 16.60 -27.83
N SER A 356 2.68 15.56 -28.05
CA SER A 356 2.45 14.26 -27.40
C SER A 356 2.75 14.31 -25.91
N GLU A 357 1.88 13.68 -25.11
CA GLU A 357 2.08 13.61 -23.66
C GLU A 357 3.27 12.73 -23.31
N VAL A 358 4.04 13.17 -22.33
CA VAL A 358 5.20 12.43 -21.86
C VAL A 358 4.82 11.45 -20.74
N PHE A 359 5.41 10.26 -20.81
CA PHE A 359 5.18 9.18 -19.86
C PHE A 359 5.30 9.61 -18.40
N GLU A 360 4.24 9.35 -17.62
CA GLU A 360 4.16 9.83 -16.23
C GLU A 360 5.04 9.02 -15.28
N GLY A 361 5.41 7.81 -15.73
CA GLY A 361 6.40 7.03 -15.02
C GLY A 361 7.74 7.74 -15.01
N ILE A 362 8.23 8.07 -16.20
CA ILE A 362 9.53 8.73 -16.33
C ILE A 362 9.62 10.03 -15.55
N MET A 363 8.54 10.80 -15.57
CA MET A 363 8.48 12.03 -14.77
C MET A 363 8.51 11.76 -13.27
N ASP A 364 7.86 10.68 -12.85
CA ASP A 364 7.78 10.37 -11.43
C ASP A 364 9.13 9.91 -10.89
N ALA A 365 9.87 9.18 -11.71
CA ALA A 365 11.23 8.79 -11.35
C ALA A 365 12.15 10.00 -11.20
N LEU A 366 12.09 10.90 -12.19
CA LEU A 366 12.88 12.14 -12.18
C LEU A 366 12.55 13.07 -11.01
N PHE A 367 11.29 13.52 -10.94
CA PHE A 367 10.85 14.46 -9.93
C PHE A 367 10.83 13.93 -8.50
N THR A 368 10.11 12.85 -8.22
CA THR A 368 10.12 12.29 -6.86
C THR A 368 11.52 11.79 -6.49
N GLY A 369 12.26 11.35 -7.49
CA GLY A 369 13.67 11.06 -7.31
C GLY A 369 14.43 12.28 -6.83
N LEU A 370 14.35 13.37 -7.59
CA LEU A 370 14.99 14.62 -7.23
C LEU A 370 14.60 15.10 -5.83
N ILE A 371 13.30 15.12 -5.57
CA ILE A 371 12.78 15.62 -4.30
C ILE A 371 13.27 14.79 -3.11
N ALA A 372 13.49 13.49 -3.35
CA ALA A 372 13.94 12.60 -2.28
C ALA A 372 15.33 12.93 -1.74
N ILE A 373 16.11 13.69 -2.51
CA ILE A 373 17.46 14.12 -2.11
C ILE A 373 17.46 14.79 -0.72
N HIS A 374 16.40 15.54 -0.42
CA HIS A 374 16.28 16.22 0.86
C HIS A 374 16.15 15.25 2.03
N GLY A 375 15.65 14.04 1.75
CA GLY A 375 15.39 13.02 2.74
C GLY A 375 16.64 12.47 3.39
N LEU A 376 17.78 12.70 2.76
CA LEU A 376 19.05 12.13 3.22
C LEU A 376 19.91 13.17 3.92
N LYS A 377 19.29 14.23 4.41
CA LYS A 377 20.03 15.41 4.84
C LYS A 377 19.21 16.29 5.77
N ALA A 378 19.90 16.94 6.70
CA ALA A 378 19.29 17.90 7.60
C ALA A 378 19.90 19.28 7.37
N SER A 379 19.06 20.32 7.37
CA SER A 379 19.48 21.70 7.04
C SER A 379 20.77 22.15 7.74
N ASN A 382 17.87 21.12 2.21
CA ASN A 382 17.86 21.41 3.64
C ASN A 382 16.67 20.78 4.39
N GLY A 383 16.15 21.48 5.39
CA GLY A 383 15.12 20.94 6.26
C GLY A 383 15.71 20.29 7.50
N PRO A 384 14.95 20.27 8.62
CA PRO A 384 15.49 19.75 9.88
C PRO A 384 15.43 18.22 10.05
N LEU A 385 14.38 17.59 9.52
CA LEU A 385 14.14 16.15 9.78
C LEU A 385 14.74 15.25 8.71
N ILE A 386 14.83 13.96 9.04
CA ILE A 386 15.62 13.00 8.28
C ILE A 386 14.80 11.72 8.03
N ASN A 387 14.98 11.10 6.85
CA ASN A 387 14.23 9.90 6.48
C ASN A 387 15.12 8.65 6.51
N SER A 388 15.75 8.36 5.37
CA SER A 388 16.73 7.27 5.31
C SER A 388 17.93 7.57 6.18
N ARG A 389 18.58 6.53 6.65
CA ARG A 389 19.77 6.69 7.48
C ARG A 389 20.99 6.10 6.77
N THR A 390 20.74 5.28 5.77
CA THR A 390 21.81 4.55 5.09
C THR A 390 22.00 5.09 3.69
N GLY A 391 21.21 6.11 3.35
CA GLY A 391 21.26 6.73 2.05
C GLY A 391 20.58 5.91 0.99
N SER A 392 19.25 5.93 0.98
CA SER A 392 18.48 5.14 0.04
C SER A 392 17.21 5.85 -0.33
N ILE A 393 16.79 5.71 -1.57
CA ILE A 393 15.48 6.16 -1.97
C ILE A 393 14.63 4.93 -2.27
N TYR A 394 13.42 4.91 -1.74
CA TYR A 394 12.56 3.74 -1.88
C TYR A 394 11.32 4.01 -2.72
N ILE A 395 11.34 3.51 -3.94
CA ILE A 395 10.26 3.73 -4.89
C ILE A 395 9.52 2.42 -5.15
N VAL A 396 8.22 2.42 -4.91
CA VAL A 396 7.38 1.29 -5.26
C VAL A 396 6.94 1.46 -6.72
N LYS A 397 7.19 0.44 -7.54
CA LYS A 397 6.72 0.44 -8.92
C LYS A 397 5.55 -0.53 -9.07
N PRO A 398 4.36 0.00 -9.37
CA PRO A 398 3.19 -0.84 -9.59
C PRO A 398 3.01 -1.28 -11.03
N LYS A 399 2.20 -2.30 -11.21
CA LYS A 399 1.65 -2.67 -12.51
C LYS A 399 2.65 -3.11 -13.58
N MET A 400 3.85 -3.50 -13.18
CA MET A 400 4.82 -4.08 -14.12
C MET A 400 4.40 -5.46 -14.62
N HIS A 401 4.61 -5.70 -15.91
CA HIS A 401 4.35 -7.00 -16.52
C HIS A 401 5.65 -7.65 -16.97
N GLY A 402 6.21 -8.51 -16.14
CA GLY A 402 7.33 -9.33 -16.56
C GLY A 402 8.71 -8.75 -16.35
N PRO A 403 9.74 -9.58 -16.54
CA PRO A 403 11.16 -9.28 -16.26
C PRO A 403 11.69 -8.06 -17.05
N ALA A 404 11.27 -7.90 -18.30
CA ALA A 404 11.80 -6.81 -19.12
C ALA A 404 11.28 -5.44 -18.65
N GLU A 405 9.99 -5.35 -18.35
CA GLU A 405 9.44 -4.15 -17.69
C GLU A 405 10.09 -3.81 -16.33
N VAL A 406 10.74 -4.79 -15.72
CA VAL A 406 11.48 -4.58 -14.49
C VAL A 406 12.90 -4.08 -14.82
N ALA A 407 13.46 -4.63 -15.90
CA ALA A 407 14.79 -4.25 -16.35
C ALA A 407 14.80 -2.78 -16.77
N PHE A 408 13.82 -2.42 -17.59
CA PHE A 408 13.61 -1.04 -18.03
C PHE A 408 13.59 -0.06 -16.86
N THR A 409 12.82 -0.40 -15.82
CA THR A 409 12.73 0.46 -14.64
C THR A 409 14.07 0.60 -13.90
N CYS A 410 14.88 -0.45 -13.87
CA CYS A 410 16.22 -0.34 -13.31
C CYS A 410 17.09 0.60 -14.13
N GLU A 411 16.98 0.50 -15.46
CA GLU A 411 17.79 1.30 -16.37
C GLU A 411 17.42 2.78 -16.24
N LEU A 412 16.13 3.01 -15.99
CA LEU A 412 15.58 4.33 -15.78
C LEU A 412 16.13 4.93 -14.49
N PHE A 413 16.17 4.13 -13.45
CA PHE A 413 16.73 4.56 -12.17
C PHE A 413 18.22 4.91 -12.33
N SER A 414 18.91 4.19 -13.19
CA SER A 414 20.30 4.47 -13.48
C SER A 414 20.42 5.81 -14.18
N ARG A 415 19.60 5.98 -15.22
CA ARG A 415 19.57 7.22 -16.00
C ARG A 415 19.19 8.42 -15.11
N VAL A 416 18.19 8.24 -14.28
CA VAL A 416 17.75 9.26 -13.34
C VAL A 416 18.82 9.52 -12.27
N GLU A 417 19.54 8.47 -11.89
CA GLU A 417 20.61 8.63 -10.92
C GLU A 417 21.74 9.51 -11.45
N ASP A 418 22.04 9.38 -12.73
CA ASP A 418 23.03 10.22 -13.43
C ASP A 418 22.71 11.69 -13.34
N VAL A 419 21.52 12.03 -13.85
CA VAL A 419 20.97 13.37 -13.81
C VAL A 419 21.11 14.05 -12.44
N LEU A 420 20.78 13.35 -11.37
CA LEU A 420 20.83 13.91 -10.02
C LEU A 420 22.19 13.72 -9.37
N GLY A 421 23.10 13.04 -10.06
CA GLY A 421 24.44 12.84 -9.55
C GLY A 421 24.53 12.15 -8.20
N LEU A 422 23.82 11.02 -8.07
CA LEU A 422 23.84 10.22 -6.86
C LEU A 422 24.50 8.92 -7.25
N PRO A 423 25.23 8.29 -6.31
CA PRO A 423 25.83 6.99 -6.60
C PRO A 423 24.80 5.99 -7.12
N GLN A 424 25.20 5.16 -8.07
CA GLN A 424 24.35 4.12 -8.60
C GLN A 424 23.69 3.25 -7.51
N ASN A 425 22.51 2.73 -7.82
CA ASN A 425 21.69 1.91 -6.90
C ASN A 425 21.24 2.59 -5.60
N THR A 426 21.30 3.92 -5.58
CA THR A 426 20.69 4.69 -4.50
C THR A 426 19.18 4.50 -4.50
N MET A 427 18.57 4.59 -5.70
CA MET A 427 17.14 4.41 -5.85
C MET A 427 16.75 2.93 -5.85
N LYS A 428 16.34 2.45 -4.68
CA LYS A 428 15.93 1.06 -4.50
C LYS A 428 14.55 0.88 -5.07
N ILE A 429 14.14 -0.36 -5.32
CA ILE A 429 12.86 -0.59 -5.98
C ILE A 429 11.97 -1.62 -5.27
N GLY A 430 10.76 -1.18 -4.93
CA GLY A 430 9.74 -2.09 -4.44
C GLY A 430 8.96 -2.68 -5.61
N ILE A 431 9.06 -3.99 -5.78
CA ILE A 431 8.47 -4.67 -6.93
C ILE A 431 7.09 -5.14 -6.54
N MET A 432 6.09 -4.83 -7.35
CA MET A 432 4.77 -5.29 -6.97
C MET A 432 4.21 -6.42 -7.83
N ASP A 433 3.83 -7.51 -7.17
CA ASP A 433 3.28 -8.65 -7.88
C ASP A 433 1.79 -8.46 -7.98
N GLU A 434 1.33 -7.92 -9.11
CA GLU A 434 -0.09 -7.64 -9.29
C GLU A 434 -0.50 -7.80 -10.75
N GLU A 435 0.35 -8.46 -11.52
CA GLU A 435 0.09 -8.65 -12.93
C GLU A 435 0.48 -10.09 -13.23
N ARG A 436 -0.43 -10.81 -13.88
CA ARG A 436 -0.29 -12.24 -14.13
C ARG A 436 1.07 -12.61 -14.74
N ARG A 437 1.58 -11.76 -15.62
CA ARG A 437 2.81 -12.06 -16.34
C ARG A 437 4.02 -11.91 -15.41
N THR A 438 3.88 -11.06 -14.41
CA THR A 438 4.93 -10.90 -13.40
C THR A 438 4.98 -12.11 -12.46
N THR A 439 3.81 -12.55 -12.01
CA THR A 439 3.71 -13.69 -11.12
C THR A 439 4.44 -14.91 -11.68
N VAL A 440 4.17 -15.25 -12.93
CA VAL A 440 4.71 -16.50 -13.49
C VAL A 440 6.17 -16.38 -13.92
N ASN A 441 6.71 -15.16 -13.86
CA ASN A 441 8.12 -14.90 -14.15
C ASN A 441 8.79 -14.14 -12.99
N LEU A 442 8.29 -14.39 -11.78
CA LEU A 442 8.66 -13.61 -10.60
C LEU A 442 10.11 -13.74 -10.17
N LYS A 443 10.74 -14.87 -10.48
CA LYS A 443 12.12 -15.10 -10.07
C LYS A 443 13.02 -14.34 -11.02
N ALA A 444 12.61 -14.33 -12.28
CA ALA A 444 13.26 -13.55 -13.33
C ALA A 444 13.19 -12.06 -13.02
N CYS A 445 12.01 -11.61 -12.58
CA CYS A 445 11.80 -10.20 -12.26
C CYS A 445 12.73 -9.73 -11.15
N ILE A 446 12.72 -10.45 -10.04
CA ILE A 446 13.65 -10.15 -8.95
C ILE A 446 15.08 -10.10 -9.46
N LYS A 447 15.44 -11.08 -10.28
CA LYS A 447 16.78 -11.15 -10.87
C LYS A 447 17.15 -9.89 -11.67
N ALA A 448 16.21 -9.38 -12.46
CA ALA A 448 16.42 -8.12 -13.18
C ALA A 448 16.59 -6.93 -12.23
N ALA A 449 16.01 -7.01 -11.05
CA ALA A 449 16.18 -5.97 -10.05
C ALA A 449 17.12 -6.37 -8.92
N ALA A 450 17.94 -7.39 -9.15
CA ALA A 450 18.71 -8.03 -8.08
C ALA A 450 19.58 -7.10 -7.22
N ASP A 451 19.96 -5.93 -7.75
CA ASP A 451 20.86 -5.03 -7.01
C ASP A 451 20.16 -3.83 -6.36
N ARG A 452 18.85 -3.76 -6.54
CA ARG A 452 18.05 -2.63 -6.07
C ARG A 452 16.88 -3.05 -5.19
N VAL A 453 16.26 -4.19 -5.49
CA VAL A 453 14.98 -4.56 -4.90
C VAL A 453 15.00 -4.68 -3.38
N VAL A 454 14.13 -3.91 -2.72
CA VAL A 454 13.98 -4.05 -1.29
C VAL A 454 12.61 -4.63 -0.91
N PHE A 455 11.81 -5.04 -1.90
CA PHE A 455 10.38 -5.25 -1.63
C PHE A 455 9.66 -6.03 -2.75
N ILE A 456 9.01 -7.13 -2.37
CA ILE A 456 7.97 -7.73 -3.20
C ILE A 456 6.67 -7.77 -2.39
N ASN A 457 5.56 -7.99 -3.08
CA ASN A 457 4.26 -7.80 -2.50
C ASN A 457 3.15 -8.37 -3.37
N THR A 458 2.16 -8.99 -2.75
CA THR A 458 1.00 -9.47 -3.48
C THR A 458 -0.12 -8.45 -3.44
N ALA A 459 -0.56 -7.99 -4.62
CA ALA A 459 -1.68 -7.07 -4.69
C ALA A 459 -2.83 -7.76 -5.41
N PHE A 460 -3.65 -8.44 -4.63
CA PHE A 460 -4.74 -9.24 -5.18
C PHE A 460 -5.71 -8.42 -6.06
N LEU A 461 -6.20 -7.28 -5.56
CA LEU A 461 -7.08 -6.41 -6.35
C LEU A 461 -6.62 -6.22 -7.81
N ASP A 462 -5.38 -5.77 -8.01
CA ASP A 462 -4.89 -5.63 -9.39
C ASP A 462 -4.64 -6.96 -10.06
N ARG A 463 -4.01 -7.86 -9.32
CA ARG A 463 -3.79 -9.24 -9.72
C ARG A 463 -5.08 -9.95 -10.16
N THR A 464 -6.18 -9.64 -9.50
CA THR A 464 -7.45 -10.21 -9.91
C THR A 464 -7.94 -9.52 -11.18
N GLY A 465 -7.86 -8.18 -11.19
CA GLY A 465 -8.09 -7.39 -12.39
C GLY A 465 -7.38 -7.96 -13.60
N ASP A 466 -6.07 -8.22 -13.47
CA ASP A 466 -5.29 -8.74 -14.57
C ASP A 466 -5.74 -10.14 -15.00
N GLU A 467 -5.99 -10.98 -13.99
CA GLU A 467 -6.42 -12.36 -14.14
C GLU A 467 -7.72 -12.43 -14.95
N ILE A 468 -8.72 -11.63 -14.58
CA ILE A 468 -9.98 -11.54 -15.35
C ILE A 468 -9.76 -11.16 -16.82
N HIS A 469 -9.03 -10.06 -17.05
CA HIS A 469 -8.85 -9.54 -18.41
C HIS A 469 -8.06 -10.48 -19.29
N THR A 470 -7.05 -11.12 -18.73
CA THR A 470 -6.17 -11.95 -19.53
C THR A 470 -6.91 -13.14 -20.12
N SER A 471 -7.71 -13.80 -19.29
CA SER A 471 -8.45 -14.98 -19.74
C SER A 471 -9.93 -14.68 -19.99
N MET A 472 -10.23 -13.44 -20.35
CA MET A 472 -11.62 -13.02 -20.50
C MET A 472 -12.35 -13.51 -21.76
N GLU A 473 -11.62 -14.11 -22.70
CA GLU A 473 -12.22 -14.70 -23.88
C GLU A 473 -12.54 -16.18 -23.66
N ALA A 474 -12.07 -16.72 -22.54
CA ALA A 474 -12.18 -18.16 -22.27
C ALA A 474 -13.58 -18.55 -21.83
N GLY A 475 -14.28 -17.66 -21.12
CA GLY A 475 -15.61 -17.97 -20.63
C GLY A 475 -16.09 -17.14 -19.45
N PRO A 476 -17.29 -17.46 -18.94
CA PRO A 476 -17.82 -16.71 -17.78
C PRO A 476 -16.95 -16.92 -16.53
N MET A 477 -16.57 -15.85 -15.85
CA MET A 477 -15.66 -15.90 -14.72
C MET A 477 -16.46 -15.91 -13.41
N VAL A 478 -15.89 -16.48 -12.35
CA VAL A 478 -16.61 -16.57 -11.07
C VAL A 478 -16.81 -15.19 -10.45
N ARG A 479 -17.82 -15.07 -9.59
CA ARG A 479 -18.10 -13.84 -8.86
C ARG A 479 -16.88 -13.37 -8.09
N LYS A 480 -16.82 -12.08 -7.78
CA LYS A 480 -15.59 -11.51 -7.21
C LYS A 480 -15.39 -11.93 -5.76
N GLY A 481 -16.49 -12.17 -5.07
CA GLY A 481 -16.46 -12.72 -3.71
C GLY A 481 -15.79 -14.09 -3.64
N THR A 482 -15.84 -14.82 -4.75
CA THR A 482 -15.29 -16.18 -4.84
C THR A 482 -13.80 -16.18 -5.20
N MET A 483 -13.36 -15.09 -5.83
CA MET A 483 -11.99 -14.95 -6.33
C MET A 483 -10.89 -15.09 -5.29
N LYS A 484 -11.16 -14.64 -4.07
CA LYS A 484 -10.17 -14.69 -3.00
C LYS A 484 -9.79 -16.12 -2.57
N SER A 485 -10.60 -17.11 -2.94
CA SER A 485 -10.30 -18.49 -2.58
C SER A 485 -10.14 -19.44 -3.77
N GLN A 486 -10.00 -18.87 -4.97
CA GLN A 486 -9.64 -19.63 -6.16
C GLN A 486 -8.23 -20.20 -6.04
N PRO A 487 -7.98 -21.35 -6.68
CA PRO A 487 -6.65 -21.95 -6.68
C PRO A 487 -5.55 -21.12 -7.35
N TRP A 488 -5.88 -20.20 -8.27
CA TRP A 488 -4.84 -19.36 -8.86
C TRP A 488 -4.33 -18.37 -7.82
N ILE A 489 -5.21 -17.86 -6.97
CA ILE A 489 -4.82 -16.82 -6.03
C ILE A 489 -4.15 -17.41 -4.81
N LEU A 490 -4.59 -18.60 -4.41
CA LEU A 490 -3.99 -19.28 -3.27
C LEU A 490 -2.57 -19.73 -3.62
N ALA A 491 -2.41 -20.33 -4.80
CA ALA A 491 -1.09 -20.54 -5.39
C ALA A 491 -0.22 -19.29 -5.40
N TYR A 492 -0.70 -18.25 -6.10
CA TYR A 492 -0.08 -16.92 -6.22
C TYR A 492 0.52 -16.40 -4.90
N GLU A 493 -0.29 -16.34 -3.85
CA GLU A 493 0.19 -15.91 -2.52
C GLU A 493 1.38 -16.70 -2.02
N ASP A 494 1.30 -18.03 -2.10
CA ASP A 494 2.38 -18.87 -1.61
C ASP A 494 3.57 -18.77 -2.55
N HIS A 495 3.29 -18.70 -3.86
CA HIS A 495 4.33 -18.57 -4.85
C HIS A 495 5.20 -17.33 -4.62
N ASN A 496 4.57 -16.22 -4.23
CA ASN A 496 5.25 -14.96 -3.99
C ASN A 496 6.26 -15.04 -2.84
N VAL A 497 5.86 -15.70 -1.75
CA VAL A 497 6.75 -15.90 -0.61
C VAL A 497 7.95 -16.82 -0.92
N ASP A 498 7.72 -17.91 -1.65
CA ASP A 498 8.81 -18.81 -2.02
C ASP A 498 9.94 -18.07 -2.77
N ALA A 499 9.59 -17.41 -3.88
CA ALA A 499 10.53 -16.68 -4.71
C ALA A 499 11.37 -15.63 -3.95
N GLY A 500 10.72 -14.85 -3.11
CA GLY A 500 11.42 -13.89 -2.28
C GLY A 500 12.38 -14.57 -1.33
N LEU A 501 11.88 -15.56 -0.59
CA LEU A 501 12.74 -16.31 0.33
C LEU A 501 13.83 -17.07 -0.42
N ALA A 502 13.50 -17.70 -1.54
CA ALA A 502 14.55 -18.38 -2.34
C ALA A 502 15.50 -17.41 -3.04
N ALA A 503 15.33 -16.11 -2.82
CA ALA A 503 16.18 -15.09 -3.42
C ALA A 503 17.03 -14.39 -2.37
N GLY A 504 16.84 -14.77 -1.11
CA GLY A 504 17.66 -14.25 -0.02
C GLY A 504 16.99 -13.14 0.77
N PHE A 505 15.68 -12.99 0.58
CA PHE A 505 14.93 -11.90 1.21
C PHE A 505 15.05 -11.78 2.74
N SER A 506 15.26 -12.88 3.45
CA SER A 506 15.37 -12.81 4.92
C SER A 506 16.61 -12.05 5.42
N GLY A 507 16.37 -10.99 6.18
CA GLY A 507 17.44 -10.12 6.63
C GLY A 507 17.94 -9.19 5.56
N ARG A 508 17.27 -9.18 4.40
CA ARG A 508 17.68 -8.32 3.30
C ARG A 508 16.55 -7.44 2.71
N ALA A 509 15.40 -8.04 2.42
CA ALA A 509 14.27 -7.27 1.88
C ALA A 509 12.94 -7.69 2.50
N GLN A 510 11.88 -6.92 2.24
CA GLN A 510 10.57 -7.29 2.75
C GLN A 510 9.77 -8.22 1.82
N VAL A 511 9.05 -9.14 2.45
CA VAL A 511 8.08 -9.96 1.77
C VAL A 511 6.75 -9.53 2.33
N GLY A 512 5.85 -9.09 1.45
CA GLY A 512 4.64 -8.43 1.88
C GLY A 512 3.35 -8.89 1.24
N LYS A 513 2.23 -8.50 1.84
CA LYS A 513 0.93 -8.96 1.38
C LYS A 513 -0.11 -7.85 1.39
N GLY A 514 -1.24 -8.10 0.75
CA GLY A 514 -2.28 -7.11 0.50
C GLY A 514 -2.89 -6.36 1.67
N MET A 515 -3.97 -5.66 1.36
CA MET A 515 -4.53 -4.63 2.23
C MET A 515 -5.90 -4.99 2.80
N TRP A 516 -6.12 -4.56 4.04
CA TRP A 516 -7.41 -4.73 4.70
C TRP A 516 -8.29 -3.53 4.35
N THR A 517 -9.35 -3.77 3.58
CA THR A 517 -10.21 -2.70 3.09
C THR A 517 -11.33 -2.29 4.05
N MET A 518 -11.74 -3.20 4.92
CA MET A 518 -12.88 -2.96 5.79
C MET A 518 -12.43 -2.13 6.97
N THR A 519 -12.60 -0.81 6.82
CA THR A 519 -11.93 0.12 7.70
C THR A 519 -12.53 0.13 9.10
N GLU A 520 -13.75 -0.38 9.24
CA GLU A 520 -14.38 -0.31 10.56
C GLU A 520 -14.52 -1.67 11.21
N LEU A 521 -14.17 -2.72 10.45
CA LEU A 521 -14.24 -4.08 10.96
C LEU A 521 -12.90 -4.51 11.58
N MET A 522 -12.47 -3.75 12.60
CA MET A 522 -11.19 -3.97 13.27
C MET A 522 -11.13 -5.28 14.06
N ALA A 523 -12.26 -5.69 14.61
CA ALA A 523 -12.37 -7.01 15.20
C ALA A 523 -12.02 -8.12 14.20
N ASP A 524 -12.71 -8.16 13.06
CA ASP A 524 -12.42 -9.15 12.02
C ASP A 524 -10.96 -9.10 11.61
N MET A 525 -10.40 -7.89 11.46
CA MET A 525 -9.01 -7.74 11.05
C MET A 525 -8.05 -8.37 12.05
N VAL A 526 -8.20 -8.00 13.32
CA VAL A 526 -7.36 -8.54 14.37
C VAL A 526 -7.52 -10.05 14.47
N GLU A 527 -8.70 -10.55 14.12
CA GLU A 527 -8.96 -11.98 14.13
C GLU A 527 -8.41 -12.71 12.89
N THR A 528 -8.45 -12.03 11.74
CA THR A 528 -8.14 -12.66 10.45
C THR A 528 -6.73 -12.37 9.91
N LYS A 529 -6.29 -11.12 10.02
CA LYS A 529 -5.06 -10.66 9.35
C LYS A 529 -3.77 -11.29 9.89
N ILE A 530 -3.89 -12.12 10.92
CA ILE A 530 -2.74 -12.81 11.51
C ILE A 530 -2.20 -13.87 10.55
N ALA A 531 -3.03 -14.28 9.59
CA ALA A 531 -2.65 -15.31 8.63
C ALA A 531 -1.47 -14.91 7.74
N GLN A 532 -1.30 -13.61 7.53
CA GLN A 532 -0.25 -13.11 6.63
C GLN A 532 1.18 -13.24 7.21
N PRO A 533 1.42 -12.77 8.44
CA PRO A 533 2.72 -13.12 9.01
C PRO A 533 2.85 -14.61 9.40
N ARG A 534 1.75 -15.34 9.50
CA ARG A 534 1.79 -16.80 9.59
C ARG A 534 2.17 -17.43 8.24
N ALA A 535 2.01 -16.64 7.17
CA ALA A 535 2.32 -17.14 5.83
C ALA A 535 3.76 -16.78 5.50
N GLY A 536 4.40 -16.10 6.45
CA GLY A 536 5.81 -15.78 6.35
C GLY A 536 6.12 -14.44 5.73
N ALA A 537 5.21 -13.48 5.87
CA ALA A 537 5.44 -12.17 5.28
C ALA A 537 5.87 -11.18 6.35
N SER A 538 6.95 -10.45 6.08
CA SER A 538 7.47 -9.49 7.06
C SER A 538 6.77 -8.13 7.00
N THR A 539 5.82 -8.00 6.08
CA THR A 539 5.03 -6.78 6.03
C THR A 539 3.65 -7.00 5.39
N ALA A 540 2.65 -6.29 5.90
CA ALA A 540 1.30 -6.37 5.36
C ALA A 540 0.71 -4.96 5.35
N TRP A 541 -0.25 -4.71 4.46
CA TRP A 541 -0.81 -3.36 4.27
C TRP A 541 -2.07 -3.02 5.10
N VAL A 542 -1.99 -1.91 5.85
CA VAL A 542 -3.11 -1.37 6.61
C VAL A 542 -3.60 -0.01 6.05
N PRO A 543 -4.88 0.32 6.27
CA PRO A 543 -5.45 1.56 5.73
C PRO A 543 -5.27 2.78 6.63
N SER A 544 -5.07 2.57 7.92
CA SER A 544 -5.07 3.68 8.87
C SER A 544 -3.96 3.57 9.92
N PRO A 545 -3.66 4.68 10.61
CA PRO A 545 -2.69 4.60 11.71
C PRO A 545 -3.21 3.69 12.81
N THR A 546 -4.52 3.73 13.05
CA THR A 546 -5.18 2.84 14.02
C THR A 546 -5.11 1.37 13.61
N ALA A 547 -5.42 1.08 12.34
CA ALA A 547 -5.27 -0.27 11.83
C ALA A 547 -3.82 -0.77 11.89
N ALA A 548 -2.86 0.15 11.87
CA ALA A 548 -1.44 -0.22 11.97
C ALA A 548 -1.13 -0.69 13.37
N THR A 549 -1.71 -0.01 14.35
CA THR A 549 -1.47 -0.30 15.76
C THR A 549 -2.08 -1.66 16.16
N LEU A 550 -3.33 -1.88 15.78
CA LEU A 550 -3.96 -3.17 15.98
C LEU A 550 -3.20 -4.26 15.25
N HIS A 551 -2.77 -4.00 14.03
CA HIS A 551 -2.07 -5.01 13.28
C HIS A 551 -0.64 -5.27 13.79
N ALA A 552 -0.10 -4.37 14.62
CA ALA A 552 1.19 -4.62 15.25
C ALA A 552 1.13 -5.88 16.13
N LEU A 553 0.03 -6.03 16.86
CA LEU A 553 -0.21 -7.19 17.72
C LEU A 553 0.19 -8.49 17.05
N HIS A 554 -0.14 -8.61 15.76
CA HIS A 554 0.14 -9.82 15.01
C HIS A 554 1.62 -10.19 14.96
N TYR A 555 2.49 -9.20 14.97
CA TYR A 555 3.91 -9.47 14.78
C TYR A 555 4.58 -9.84 16.09
N HIS A 556 3.88 -9.55 17.18
CA HIS A 556 4.33 -9.92 18.50
C HIS A 556 3.97 -11.37 18.78
N GLN A 557 2.73 -11.72 18.43
CA GLN A 557 2.22 -13.07 18.59
C GLN A 557 2.97 -14.04 17.69
N VAL A 558 3.37 -13.57 16.51
CA VAL A 558 3.98 -14.44 15.50
C VAL A 558 5.44 -14.13 15.25
N ASP A 559 6.29 -15.15 15.30
CA ASP A 559 7.70 -14.99 15.00
C ASP A 559 7.94 -15.13 13.50
N VAL A 560 7.75 -14.02 12.78
CA VAL A 560 7.89 -13.96 11.32
C VAL A 560 9.32 -14.33 10.87
N ALA A 561 10.32 -13.96 11.66
CA ALA A 561 11.69 -14.35 11.33
C ALA A 561 11.80 -15.87 11.25
N ALA A 562 11.15 -16.56 12.19
CA ALA A 562 11.22 -18.02 12.28
C ALA A 562 10.32 -18.72 11.27
N VAL A 563 9.18 -18.12 10.95
CA VAL A 563 8.30 -18.66 9.93
C VAL A 563 9.02 -18.64 8.58
N GLN A 564 9.67 -17.51 8.29
CA GLN A 564 10.50 -17.35 7.09
C GLN A 564 11.54 -18.46 7.00
N GLN A 565 12.16 -18.76 8.13
CA GLN A 565 13.22 -19.76 8.21
C GLN A 565 12.72 -21.14 7.80
N GLY A 566 11.65 -21.61 8.42
CA GLY A 566 11.14 -22.95 8.18
C GLY A 566 10.40 -23.16 6.87
N LEU A 567 10.25 -22.11 6.07
CA LEU A 567 9.63 -22.25 4.74
C LEU A 567 10.70 -22.40 3.67
N ALA A 568 11.90 -21.92 4.02
CA ALA A 568 13.06 -21.92 3.14
C ALA A 568 13.26 -23.22 2.37
N GLY A 569 13.44 -23.08 1.05
CA GLY A 569 13.72 -24.20 0.18
C GLY A 569 12.47 -24.80 -0.42
N LYS A 570 11.34 -24.57 0.24
CA LYS A 570 10.10 -25.27 -0.12
C LYS A 570 9.36 -24.64 -1.31
N ARG A 571 8.75 -25.51 -2.12
CA ARG A 571 8.11 -25.09 -3.35
C ARG A 571 6.63 -25.41 -3.30
N ARG A 572 5.84 -24.43 -2.87
CA ARG A 572 4.44 -24.66 -2.54
C ARG A 572 3.47 -24.44 -3.70
N ALA A 573 3.98 -24.03 -4.86
CA ALA A 573 3.10 -23.59 -5.95
C ALA A 573 3.64 -23.92 -7.34
N THR A 574 2.91 -24.75 -8.08
CA THR A 574 3.34 -25.11 -9.42
C THR A 574 2.75 -24.18 -10.46
N ILE A 575 3.44 -24.07 -11.59
CA ILE A 575 3.02 -23.21 -12.69
C ILE A 575 1.66 -23.67 -13.23
N GLU A 576 1.34 -24.96 -13.05
CA GLU A 576 0.01 -25.48 -13.39
C GLU A 576 -1.07 -24.86 -12.51
N GLN A 577 -0.71 -24.48 -11.29
CA GLN A 577 -1.67 -23.91 -10.34
C GLN A 577 -1.79 -22.38 -10.43
N LEU A 578 -0.88 -21.74 -11.17
CA LEU A 578 -0.91 -20.29 -11.36
C LEU A 578 -1.74 -19.93 -12.60
N LEU A 579 -1.80 -20.88 -13.55
CA LEU A 579 -2.55 -20.70 -14.79
C LEU A 579 -3.93 -21.36 -14.67
N THR A 580 -4.26 -21.85 -13.49
CA THR A 580 -5.61 -22.33 -13.26
C THR A 580 -6.53 -21.13 -13.36
N ILE A 581 -7.25 -21.04 -14.46
CA ILE A 581 -8.19 -19.97 -14.69
C ILE A 581 -9.47 -20.22 -13.90
N PRO A 582 -10.03 -19.17 -13.27
CA PRO A 582 -11.26 -19.22 -12.47
C PRO A 582 -12.58 -19.05 -13.22
N LEU A 583 -12.91 -19.94 -14.15
CA LEU A 583 -14.22 -19.90 -14.81
C LEU A 583 -15.28 -20.39 -13.84
N ALA A 584 -16.55 -20.23 -14.20
CA ALA A 584 -17.65 -20.86 -13.46
C ALA A 584 -18.07 -22.21 -14.08
N LYS A 585 -18.90 -22.99 -13.38
CA LYS A 585 -19.27 -24.32 -13.84
C LYS A 585 -20.46 -24.33 -14.80
N GLU A 586 -20.31 -23.63 -15.92
CA GLU A 586 -21.30 -23.57 -16.99
C GLU A 586 -22.76 -23.40 -16.55
N LEU A 587 -23.17 -22.14 -16.45
CA LEU A 587 -24.53 -21.75 -16.05
C LEU A 587 -24.95 -22.43 -14.74
N ALA A 588 -24.32 -22.01 -13.65
CA ALA A 588 -24.67 -22.50 -12.32
C ALA A 588 -24.94 -21.31 -11.39
N TRP A 589 -25.87 -20.45 -11.79
CA TRP A 589 -26.35 -19.35 -10.95
C TRP A 589 -27.86 -19.27 -11.02
N ALA A 590 -28.41 -18.27 -10.34
CA ALA A 590 -29.83 -17.96 -10.41
C ALA A 590 -29.96 -16.46 -10.60
N PRO A 591 -30.98 -16.03 -11.37
CA PRO A 591 -31.30 -14.63 -11.64
C PRO A 591 -31.19 -13.69 -10.43
N ASP A 592 -31.58 -14.17 -9.24
CA ASP A 592 -31.46 -13.37 -8.01
C ASP A 592 -30.00 -13.12 -7.66
N GLU A 593 -29.19 -14.18 -7.75
CA GLU A 593 -27.75 -14.08 -7.54
C GLU A 593 -27.10 -13.19 -8.61
N ILE A 594 -27.34 -13.49 -9.88
CA ILE A 594 -26.77 -12.75 -11.01
C ILE A 594 -27.00 -11.24 -10.93
N ARG A 595 -28.22 -10.82 -10.59
CA ARG A 595 -28.51 -9.40 -10.44
C ARG A 595 -27.94 -8.87 -9.13
N GLU A 596 -27.70 -9.76 -8.19
CA GLU A 596 -27.11 -9.32 -6.93
C GLU A 596 -25.67 -8.93 -7.19
N GLU A 597 -25.00 -9.74 -8.02
CA GLU A 597 -23.62 -9.51 -8.38
C GLU A 597 -23.49 -8.26 -9.26
N VAL A 598 -24.40 -8.08 -10.21
CA VAL A 598 -24.40 -6.88 -11.07
C VAL A 598 -24.63 -5.62 -10.25
N ASP A 599 -25.68 -5.62 -9.44
CA ASP A 599 -26.00 -4.48 -8.59
C ASP A 599 -24.86 -4.15 -7.65
N ASN A 600 -24.24 -5.19 -7.10
CA ASN A 600 -23.15 -4.99 -6.13
C ASN A 600 -21.90 -4.42 -6.79
N ASN A 601 -21.58 -4.91 -7.99
CA ASN A 601 -20.46 -4.40 -8.74
C ASN A 601 -20.72 -2.97 -9.24
N CYS A 602 -21.97 -2.68 -9.58
CA CYS A 602 -22.31 -1.33 -10.02
C CYS A 602 -22.27 -0.36 -8.85
N GLN A 603 -22.44 -0.92 -7.65
CA GLN A 603 -22.42 -0.13 -6.42
C GLN A 603 -21.01 0.38 -6.10
N SER A 604 -20.04 -0.53 -6.11
CA SER A 604 -18.65 -0.19 -5.80
C SER A 604 -18.00 0.66 -6.89
N ILE A 605 -18.62 0.67 -8.07
CA ILE A 605 -18.13 1.46 -9.18
C ILE A 605 -18.67 2.90 -9.15
N LEU A 606 -19.97 3.03 -9.00
CA LEU A 606 -20.58 4.34 -8.86
C LEU A 606 -20.02 5.07 -7.66
N GLY A 607 -20.05 4.42 -6.49
CA GLY A 607 -19.60 5.02 -5.25
C GLY A 607 -18.20 5.62 -5.31
N TYR A 608 -17.32 4.94 -6.04
CA TYR A 608 -15.92 5.33 -6.13
C TYR A 608 -15.67 6.38 -7.20
N VAL A 609 -16.31 6.20 -8.36
CA VAL A 609 -16.11 7.08 -9.50
C VAL A 609 -16.57 8.52 -9.21
N VAL A 610 -17.68 8.66 -8.48
CA VAL A 610 -18.24 9.98 -8.22
C VAL A 610 -17.29 10.83 -7.42
N ARG A 611 -16.74 10.24 -6.36
CA ARG A 611 -15.78 10.99 -5.56
C ARG A 611 -14.52 11.30 -6.36
N TRP A 612 -14.23 10.43 -7.34
CA TRP A 612 -13.00 10.53 -8.15
C TRP A 612 -13.14 11.59 -9.25
N VAL A 613 -14.24 11.52 -9.99
CA VAL A 613 -14.52 12.48 -11.04
C VAL A 613 -14.98 13.82 -10.49
N ASP A 614 -16.00 13.79 -9.64
CA ASP A 614 -16.62 15.05 -9.19
C ASP A 614 -15.71 15.84 -8.26
N GLN A 615 -14.88 15.16 -7.48
CA GLN A 615 -14.09 15.85 -6.47
C GLN A 615 -12.60 15.55 -6.51
N GLY A 616 -12.18 14.68 -7.41
CA GLY A 616 -10.77 14.32 -7.54
C GLY A 616 -10.21 13.57 -6.34
N VAL A 617 -11.04 12.76 -5.69
CA VAL A 617 -10.65 11.97 -4.53
C VAL A 617 -10.39 10.51 -4.91
N GLY A 618 -9.17 10.02 -4.67
CA GLY A 618 -8.78 8.72 -5.17
C GLY A 618 -8.95 7.54 -4.23
N ALA A 619 -9.32 7.81 -2.99
CA ALA A 619 -9.45 6.75 -1.98
C ALA A 619 -10.39 7.24 -0.89
N SER A 620 -11.52 6.56 -0.73
CA SER A 620 -12.50 6.96 0.26
CA SER A 620 -12.48 6.95 0.29
C SER A 620 -13.34 5.76 0.72
N LYS A 621 -13.74 5.78 1.98
CA LYS A 621 -14.60 4.74 2.52
C LYS A 621 -15.95 4.82 1.84
N VAL A 622 -16.15 4.00 0.82
CA VAL A 622 -17.43 3.97 0.12
C VAL A 622 -18.31 2.79 0.63
N PRO A 623 -19.41 3.14 1.33
CA PRO A 623 -20.32 2.13 1.87
C PRO A 623 -20.77 1.20 0.75
N ASP A 624 -20.54 -0.10 0.90
CA ASP A 624 -20.91 -1.05 -0.15
C ASP A 624 -22.42 -1.31 -0.15
N ILE A 625 -22.82 -2.40 -0.77
CA ILE A 625 -24.24 -2.74 -0.90
C ILE A 625 -24.79 -3.32 0.40
N HIS A 626 -23.88 -3.64 1.31
CA HIS A 626 -24.24 -4.18 2.63
C HIS A 626 -23.85 -3.18 3.73
N ASP A 627 -23.67 -1.91 3.34
CA ASP A 627 -23.29 -0.83 4.26
C ASP A 627 -21.92 -0.99 4.95
N VAL A 628 -21.09 -1.90 4.43
CA VAL A 628 -19.74 -2.12 4.96
C VAL A 628 -18.73 -1.13 4.39
N ALA A 629 -18.20 -0.27 5.25
CA ALA A 629 -17.24 0.76 4.86
C ALA A 629 -15.98 0.17 4.22
N LEU A 630 -15.94 0.16 2.90
CA LEU A 630 -14.77 -0.34 2.18
C LEU A 630 -13.83 0.77 1.73
N MET A 631 -12.57 0.74 2.19
CA MET A 631 -11.59 1.71 1.71
CA MET A 631 -11.57 1.68 1.72
C MET A 631 -11.16 1.33 0.29
N GLU A 632 -11.92 1.80 -0.69
N GLU A 632 -11.89 1.91 -0.65
CA GLU A 632 -11.64 1.40 -2.07
CA GLU A 632 -11.71 1.71 -2.07
C GLU A 632 -10.74 2.39 -2.84
C GLU A 632 -10.51 2.49 -2.63
N ASP A 633 -9.73 1.84 -3.49
CA ASP A 633 -8.81 2.59 -4.37
C ASP A 633 -8.99 2.14 -5.83
N ARG A 634 -8.19 2.65 -6.75
CA ARG A 634 -8.45 2.51 -8.19
C ARG A 634 -8.41 1.04 -8.68
N ALA A 635 -7.73 0.18 -7.94
CA ALA A 635 -7.66 -1.25 -8.26
C ALA A 635 -9.02 -1.96 -8.11
N THR A 636 -9.79 -1.57 -7.09
CA THR A 636 -11.08 -2.20 -6.85
C THR A 636 -12.02 -1.91 -7.99
N LEU A 637 -11.86 -0.74 -8.57
CA LEU A 637 -12.59 -0.35 -9.77
C LEU A 637 -12.19 -1.25 -10.95
N ARG A 638 -10.97 -1.77 -10.91
CA ARG A 638 -10.49 -2.62 -11.99
C ARG A 638 -11.11 -4.04 -11.96
N ILE A 639 -11.37 -4.56 -10.76
CA ILE A 639 -12.00 -5.86 -10.61
C ILE A 639 -13.48 -5.82 -10.99
N SER A 640 -14.21 -4.86 -10.43
CA SER A 640 -15.64 -4.78 -10.59
C SER A 640 -16.00 -4.59 -12.05
N SER A 641 -15.40 -3.57 -12.66
CA SER A 641 -15.62 -3.22 -14.07
C SER A 641 -15.30 -4.36 -15.02
N GLN A 642 -14.17 -5.03 -14.79
CA GLN A 642 -13.73 -6.13 -15.64
C GLN A 642 -14.66 -7.32 -15.52
N LEU A 643 -15.01 -7.68 -14.28
CA LEU A 643 -15.95 -8.78 -14.02
C LEU A 643 -17.27 -8.58 -14.78
N LEU A 644 -17.91 -7.43 -14.57
CA LEU A 644 -19.12 -7.05 -15.32
C LEU A 644 -18.92 -7.11 -16.83
N ALA A 645 -17.74 -6.72 -17.31
CA ALA A 645 -17.42 -6.72 -18.73
C ALA A 645 -17.33 -8.15 -19.26
N ASN A 646 -16.83 -9.04 -18.42
CA ASN A 646 -16.75 -10.48 -18.69
C ASN A 646 -18.13 -11.15 -18.75
N TRP A 647 -19.06 -10.66 -17.93
CA TRP A 647 -20.40 -11.20 -17.89
C TRP A 647 -21.23 -10.59 -19.01
N LEU A 648 -20.83 -9.41 -19.45
CA LEU A 648 -21.40 -8.82 -20.65
C LEU A 648 -21.00 -9.66 -21.87
N ARG A 649 -19.69 -9.81 -22.03
CA ARG A 649 -19.10 -10.46 -23.21
C ARG A 649 -19.58 -11.91 -23.44
N HIS A 650 -19.90 -12.64 -22.36
CA HIS A 650 -20.34 -14.03 -22.50
C HIS A 650 -21.84 -14.24 -22.21
N GLY A 651 -22.61 -13.16 -22.32
CA GLY A 651 -24.07 -13.25 -22.30
C GLY A 651 -24.73 -13.73 -21.02
N VAL A 652 -24.12 -13.37 -19.89
CA VAL A 652 -24.71 -13.63 -18.59
C VAL A 652 -25.79 -12.58 -18.35
N ILE A 653 -25.51 -11.36 -18.79
CA ILE A 653 -26.43 -10.24 -18.67
C ILE A 653 -26.46 -9.44 -19.96
N THR A 654 -27.53 -8.68 -20.16
CA THR A 654 -27.62 -7.81 -21.34
C THR A 654 -27.11 -6.41 -20.99
N SER A 655 -27.09 -5.54 -21.99
CA SER A 655 -26.63 -4.17 -21.78
C SER A 655 -27.69 -3.40 -21.00
N ALA A 656 -28.95 -3.80 -21.18
CA ALA A 656 -30.07 -3.19 -20.46
C ALA A 656 -30.03 -3.51 -18.97
N ASP A 657 -29.53 -4.69 -18.60
CA ASP A 657 -29.34 -5.02 -17.19
C ASP A 657 -28.43 -3.98 -16.53
N VAL A 658 -27.18 -3.88 -17.01
CA VAL A 658 -26.22 -2.93 -16.45
C VAL A 658 -26.81 -1.53 -16.31
N ARG A 659 -27.51 -1.09 -17.35
CA ARG A 659 -28.17 0.21 -17.36
C ARG A 659 -29.28 0.27 -16.32
N ALA A 660 -30.14 -0.74 -16.28
CA ALA A 660 -31.19 -0.78 -15.28
C ALA A 660 -30.57 -0.79 -13.88
N SER A 661 -29.48 -1.55 -13.72
CA SER A 661 -28.76 -1.60 -12.45
C SER A 661 -28.15 -0.26 -12.05
N LEU A 662 -27.39 0.35 -12.95
CA LEU A 662 -26.78 1.66 -12.69
C LEU A 662 -27.82 2.70 -12.31
N GLU A 663 -28.97 2.66 -12.98
CA GLU A 663 -30.07 3.57 -12.68
C GLU A 663 -30.68 3.21 -11.34
N ARG A 664 -30.67 1.92 -11.02
CA ARG A 664 -31.18 1.43 -9.76
C ARG A 664 -30.23 1.76 -8.59
N MET A 665 -28.93 1.58 -8.81
CA MET A 665 -27.96 1.76 -7.73
C MET A 665 -27.49 3.20 -7.53
N ALA A 666 -27.74 4.06 -8.51
CA ALA A 666 -27.24 5.45 -8.45
C ALA A 666 -27.85 6.35 -7.39
N PRO A 667 -29.20 6.48 -7.35
CA PRO A 667 -29.74 7.37 -6.33
C PRO A 667 -29.49 6.86 -4.89
N LEU A 668 -29.20 5.57 -4.75
CA LEU A 668 -28.81 5.07 -3.43
C LEU A 668 -27.40 5.55 -3.07
N VAL A 669 -26.53 5.66 -4.08
CA VAL A 669 -25.21 6.25 -3.88
C VAL A 669 -25.36 7.71 -3.46
N ASP A 670 -26.28 8.40 -4.13
CA ASP A 670 -26.60 9.79 -3.80
C ASP A 670 -27.04 9.92 -2.34
N ARG A 671 -27.66 8.86 -1.81
CA ARG A 671 -28.14 8.83 -0.42
C ARG A 671 -27.07 8.40 0.57
N GLN A 672 -25.92 7.99 0.05
CA GLN A 672 -24.78 7.63 0.90
C GLN A 672 -23.76 8.76 0.94
N ASN A 673 -24.11 9.91 0.39
CA ASN A 673 -23.22 11.09 0.34
C ASN A 673 -23.87 12.38 0.87
N VAL A 677 -22.08 18.18 2.72
CA VAL A 677 -21.18 17.79 1.65
C VAL A 677 -21.60 18.50 0.37
N ALA A 678 -20.73 19.37 -0.14
CA ALA A 678 -20.95 19.96 -1.45
C ALA A 678 -20.78 18.83 -2.46
N TYR A 679 -21.88 18.16 -2.74
CA TYR A 679 -21.88 16.93 -3.52
C TYR A 679 -22.85 17.10 -4.69
N ARG A 680 -22.50 16.57 -5.84
CA ARG A 680 -23.35 16.70 -7.03
C ARG A 680 -24.03 15.36 -7.37
N PRO A 681 -25.35 15.26 -7.12
CA PRO A 681 -26.10 14.02 -7.37
C PRO A 681 -26.05 13.54 -8.81
N MET A 682 -26.04 12.22 -9.00
CA MET A 682 -26.05 11.61 -10.32
C MET A 682 -27.48 11.51 -10.86
N ALA A 683 -28.38 11.06 -10.00
CA ALA A 683 -29.80 10.92 -10.33
C ALA A 683 -30.49 12.30 -10.27
N PRO A 684 -31.56 12.47 -11.04
CA PRO A 684 -32.10 11.51 -12.01
C PRO A 684 -31.62 11.79 -13.43
N ASN A 685 -30.70 12.73 -13.58
CA ASN A 685 -30.19 13.09 -14.89
C ASN A 685 -28.91 12.33 -15.23
N PHE A 686 -29.08 11.04 -15.51
CA PHE A 686 -27.96 10.13 -15.67
C PHE A 686 -27.09 10.45 -16.89
N ASP A 687 -27.61 11.24 -17.82
CA ASP A 687 -26.87 11.53 -19.03
C ASP A 687 -26.20 12.91 -18.95
N ASP A 688 -26.48 13.64 -17.87
CA ASP A 688 -25.90 14.97 -17.68
C ASP A 688 -24.81 14.97 -16.60
N SER A 689 -24.67 13.83 -15.92
CA SER A 689 -23.60 13.67 -14.93
C SER A 689 -22.43 12.89 -15.50
N ILE A 690 -21.28 13.57 -15.57
CA ILE A 690 -20.04 12.99 -16.08
C ILE A 690 -19.61 11.74 -15.29
N ALA A 691 -19.93 11.73 -14.00
CA ALA A 691 -19.68 10.56 -13.15
C ALA A 691 -20.38 9.29 -13.66
N PHE A 692 -21.70 9.36 -13.79
CA PHE A 692 -22.50 8.29 -14.36
C PHE A 692 -21.99 7.79 -15.72
N LEU A 693 -21.71 8.72 -16.62
CA LEU A 693 -21.24 8.36 -17.96
C LEU A 693 -19.91 7.63 -17.89
N ALA A 694 -19.00 8.17 -17.08
CA ALA A 694 -17.71 7.56 -16.79
C ALA A 694 -17.90 6.17 -16.22
N ALA A 695 -18.86 6.05 -15.31
CA ALA A 695 -19.20 4.75 -14.70
C ALA A 695 -19.49 3.70 -15.76
N GLN A 696 -20.51 3.92 -16.57
CA GLN A 696 -20.92 2.95 -17.58
C GLN A 696 -19.93 2.79 -18.74
N GLU A 697 -18.97 3.71 -18.87
CA GLU A 697 -17.95 3.53 -19.90
C GLU A 697 -16.92 2.50 -19.44
N LEU A 698 -16.56 2.57 -18.15
CA LEU A 698 -15.65 1.60 -17.54
C LEU A 698 -16.17 0.17 -17.73
N ILE A 699 -17.49 0.00 -17.68
CA ILE A 699 -18.11 -1.29 -17.93
C ILE A 699 -18.22 -1.62 -19.44
N LEU A 700 -18.91 -0.78 -20.20
CA LEU A 700 -19.18 -1.07 -21.61
C LEU A 700 -17.95 -1.07 -22.51
N SER A 701 -17.02 -0.15 -22.27
CA SER A 701 -15.75 -0.14 -22.99
C SER A 701 -14.71 -0.99 -22.24
N GLY A 702 -15.06 -1.44 -21.05
CA GLY A 702 -14.19 -2.22 -20.18
C GLY A 702 -13.36 -3.34 -20.78
N ALA A 703 -13.97 -4.14 -21.64
CA ALA A 703 -13.26 -5.22 -22.32
C ALA A 703 -12.23 -4.70 -23.31
N GLN A 704 -12.36 -3.46 -23.75
CA GLN A 704 -11.44 -2.90 -24.74
C GLN A 704 -10.26 -2.12 -24.11
N GLN A 705 -10.38 -1.77 -22.83
CA GLN A 705 -9.27 -1.11 -22.11
C GLN A 705 -8.06 -2.04 -22.00
N PRO A 706 -6.83 -1.48 -22.18
CA PRO A 706 -5.60 -2.28 -22.21
C PRO A 706 -5.39 -2.99 -20.87
N ASN A 707 -5.19 -4.30 -20.89
CA ASN A 707 -4.96 -5.06 -19.66
C ASN A 707 -5.99 -4.73 -18.56
N GLY A 708 -7.14 -4.22 -18.98
CA GLY A 708 -8.22 -3.85 -18.09
C GLY A 708 -7.98 -2.60 -17.27
N TYR A 709 -6.98 -1.81 -17.65
CA TYR A 709 -6.67 -0.60 -16.89
C TYR A 709 -7.78 0.43 -16.96
N THR A 710 -8.07 1.04 -15.82
CA THR A 710 -9.17 1.99 -15.70
C THR A 710 -8.69 3.42 -15.91
N GLU A 711 -7.38 3.64 -15.85
CA GLU A 711 -6.84 5.01 -15.84
C GLU A 711 -7.27 5.89 -17.03
N PRO A 712 -7.12 5.41 -18.28
CA PRO A 712 -7.51 6.23 -19.43
C PRO A 712 -8.90 6.83 -19.33
N ILE A 713 -9.89 6.00 -19.02
CA ILE A 713 -11.26 6.49 -18.94
C ILE A 713 -11.42 7.37 -17.71
N LEU A 714 -10.69 7.06 -16.64
CA LEU A 714 -10.80 7.80 -15.40
C LEU A 714 -10.18 9.18 -15.54
N HIS A 715 -9.10 9.28 -16.31
CA HIS A 715 -8.41 10.56 -16.49
C HIS A 715 -9.14 11.53 -17.42
N ARG A 716 -9.52 11.09 -18.62
CA ARG A 716 -10.23 11.98 -19.56
C ARG A 716 -11.50 12.54 -18.93
N ARG A 717 -12.20 11.68 -18.18
CA ARG A 717 -13.45 12.07 -17.53
C ARG A 717 -13.24 13.05 -16.37
N ARG A 718 -12.09 12.98 -15.70
CA ARG A 718 -11.77 13.92 -14.62
C ARG A 718 -11.35 15.28 -15.19
N ARG A 719 -10.65 15.24 -16.32
CA ARG A 719 -10.27 16.46 -17.01
C ARG A 719 -11.50 17.08 -17.64
N GLU A 720 -12.34 16.23 -18.24
CA GLU A 720 -13.66 16.66 -18.68
C GLU A 720 -14.59 16.83 -17.47
N PHE A 721 -14.31 17.82 -16.64
CA PHE A 721 -15.14 18.16 -15.48
C PHE A 721 -14.49 19.35 -14.85
N LYS A 722 -13.17 19.26 -14.76
CA LYS A 722 -12.34 20.42 -14.49
C LYS A 722 -12.71 21.44 -15.55
N ALA A 723 -12.76 20.97 -16.79
CA ALA A 723 -13.06 21.78 -17.95
C ALA A 723 -14.50 22.26 -18.01
N ARG A 724 -15.43 21.48 -17.45
CA ARG A 724 -16.85 21.85 -17.42
C ARG A 724 -17.15 22.90 -16.36
N ALA A 725 -16.13 23.28 -15.61
CA ALA A 725 -16.21 24.43 -14.72
C ALA A 725 -15.37 25.56 -15.31
N ALA A 726 -15.90 26.20 -16.36
CA ALA A 726 -15.20 27.30 -17.01
C ALA A 726 -15.16 28.55 -16.11
#